data_7MU2
#
_entry.id   7MU2
#
_cell.length_a   117.771
_cell.length_b   49.075
_cell.length_c   120.130
_cell.angle_alpha   90.00
_cell.angle_beta   95.86
_cell.angle_gamma   90.00
#
_symmetry.space_group_name_H-M   'I 1 2 1'
#
loop_
_entity.id
_entity.type
_entity.pdbx_description
1 polymer 'WD repeat domain phosphoinositide-interacting protein 2'
2 polymer 'Autophagy-related protein 16-1'
3 water water
#
loop_
_entity_poly.entity_id
_entity_poly.type
_entity_poly.pdbx_seq_one_letter_code
_entity_poly.pdbx_strand_id
1 'polypeptide(L)'
;MAGQLLFANFNQDNTSLAVGSKSGYKFFSLSSVDKLEQIYECTDTEDVCIVERLFSSSLVAIVSLKAPRKLKVCHFKKGT
EICNYSYSNTILAVKLNRQRLIVCLEESLYIHNIRDMKVLHTIRETPPNPAGLCALSINNDNCYLAYPGSATIGEVQVFD
TINLRAANMIPAHDSPLAALAFDASGTKLATASEKGTVIRVFSIPEGQKLFEFRRGVKRCVSICSLAFSMDGMFLSASSN
TETVHIFKLETVGSGSFNQGRAFATVRLPFCGHKNICSLATIQKIPRLLVGAADGYLYMYNLDPQEGGECALMKQHRLDG
SLET
;
A,C
2 'polypeptide(L)' YAENEKDSRRRQARLQKELAEAAKE B,D
#
# COMPACT_ATOMS: atom_id res chain seq x y z
N GLN A 4 -5.13 17.91 -33.63
CA GLN A 4 -5.54 18.32 -32.29
C GLN A 4 -4.82 17.52 -31.21
N LEU A 5 -4.69 16.21 -31.41
CA LEU A 5 -4.26 15.32 -30.35
C LEU A 5 -2.74 15.23 -30.29
N LEU A 6 -2.21 15.26 -29.06
CA LEU A 6 -0.79 15.22 -28.78
C LEU A 6 -0.34 13.99 -28.04
N PHE A 7 -1.25 13.28 -27.38
CA PHE A 7 -0.91 12.27 -26.39
C PHE A 7 -2.11 11.36 -26.25
N ALA A 8 -1.85 10.06 -26.13
CA ALA A 8 -2.85 9.09 -25.73
C ALA A 8 -2.14 7.99 -24.95
N ASN A 9 -2.74 7.55 -23.85
CA ASN A 9 -2.10 6.50 -23.06
C ASN A 9 -3.14 5.88 -22.14
N PHE A 10 -2.82 4.67 -21.66
CA PHE A 10 -3.66 3.92 -20.74
C PHE A 10 -3.11 4.05 -19.33
N ASN A 11 -4.00 3.96 -18.34
CA ASN A 11 -3.53 3.98 -16.95
C ASN A 11 -3.01 2.59 -16.56
N GLN A 12 -2.69 2.43 -15.28
CA GLN A 12 -1.87 1.31 -14.83
C GLN A 12 -2.58 -0.03 -14.95
N ASP A 13 -3.91 -0.05 -14.86
CA ASP A 13 -4.66 -1.29 -14.96
C ASP A 13 -5.62 -1.31 -16.14
N ASN A 14 -5.40 -0.43 -17.12
CA ASN A 14 -6.16 -0.40 -18.37
C ASN A 14 -7.63 -0.11 -18.15
N THR A 15 -7.96 0.67 -17.13
CA THR A 15 -9.33 1.05 -16.91
C THR A 15 -9.66 2.44 -17.45
N SER A 16 -8.65 3.21 -17.87
CA SER A 16 -8.83 4.58 -18.27
C SER A 16 -7.92 4.89 -19.46
N LEU A 17 -8.47 5.60 -20.43
CA LEU A 17 -7.71 6.08 -21.58
C LEU A 17 -7.62 7.60 -21.49
N ALA A 18 -6.41 8.15 -21.55
CA ALA A 18 -6.20 9.59 -21.52
C ALA A 18 -5.80 10.08 -22.91
N VAL A 19 -6.43 11.17 -23.35
CA VAL A 19 -6.14 11.77 -24.66
C VAL A 19 -5.84 13.24 -24.41
N GLY A 20 -4.62 13.67 -24.71
CA GLY A 20 -4.24 15.07 -24.57
C GLY A 20 -4.31 15.78 -25.93
N SER A 21 -4.72 17.04 -25.91
CA SER A 21 -4.92 17.80 -27.14
C SER A 21 -4.48 19.24 -26.91
N LYS A 22 -4.59 20.06 -27.96
CA LYS A 22 -4.19 21.46 -27.87
C LYS A 22 -5.11 22.25 -26.95
N SER A 23 -6.36 21.82 -26.78
CA SER A 23 -7.36 22.52 -25.98
C SER A 23 -7.49 21.97 -24.56
N GLY A 24 -6.88 20.83 -24.26
CA GLY A 24 -7.00 20.25 -22.94
C GLY A 24 -6.77 18.75 -22.96
N TYR A 25 -7.52 18.00 -22.16
CA TYR A 25 -7.41 16.56 -22.21
C TYR A 25 -8.73 15.93 -21.77
N LYS A 26 -8.87 14.63 -22.06
CA LYS A 26 -10.06 13.88 -21.71
C LYS A 26 -9.65 12.51 -21.17
N PHE A 27 -10.52 11.95 -20.33
CA PHE A 27 -10.45 10.56 -19.89
C PHE A 27 -11.64 9.80 -20.46
N PHE A 28 -11.39 8.58 -20.93
CA PHE A 28 -12.44 7.68 -21.39
C PHE A 28 -12.39 6.41 -20.55
N SER A 29 -13.55 5.90 -20.17
CA SER A 29 -13.59 4.60 -19.53
C SER A 29 -13.40 3.51 -20.58
N LEU A 30 -12.97 2.35 -20.13
CA LEU A 30 -12.72 1.20 -21.00
C LEU A 30 -13.50 -0.02 -20.51
N SER A 31 -14.73 0.17 -20.08
CA SER A 31 -15.51 -0.91 -19.48
C SER A 31 -16.56 -1.49 -20.43
N SER A 32 -16.74 -0.91 -21.61
CA SER A 32 -17.67 -1.44 -22.57
C SER A 32 -17.05 -1.32 -23.96
N VAL A 33 -17.76 -1.89 -24.94
CA VAL A 33 -17.26 -1.97 -26.30
C VAL A 33 -18.00 -1.06 -27.27
N ASP A 34 -19.30 -0.84 -27.06
CA ASP A 34 -20.11 -0.19 -28.10
C ASP A 34 -19.72 1.27 -28.30
N LYS A 35 -19.39 1.98 -27.22
CA LYS A 35 -19.07 3.40 -27.34
C LYS A 35 -17.86 3.72 -26.47
N LEU A 36 -17.08 4.70 -26.91
CA LEU A 36 -15.97 5.23 -26.11
C LEU A 36 -16.56 6.26 -25.16
N GLU A 37 -16.73 5.91 -23.90
CA GLU A 37 -17.49 6.73 -22.96
C GLU A 37 -16.59 7.72 -22.26
N GLN A 38 -16.81 9.01 -22.53
CA GLN A 38 -16.02 10.06 -21.92
C GLN A 38 -16.44 10.23 -20.46
N ILE A 39 -15.47 10.21 -19.56
CA ILE A 39 -15.75 10.42 -18.14
C ILE A 39 -15.24 11.75 -17.62
N TYR A 40 -14.39 12.45 -18.37
CA TYR A 40 -13.90 13.73 -17.90
C TYR A 40 -13.36 14.51 -19.07
N GLU A 41 -13.56 15.83 -19.03
CA GLU A 41 -12.90 16.71 -19.97
C GLU A 41 -12.42 17.96 -19.26
N CYS A 42 -11.21 18.37 -19.57
CA CYS A 42 -10.61 19.60 -19.06
C CYS A 42 -10.29 20.51 -20.23
N THR A 43 -10.61 21.80 -20.09
CA THR A 43 -10.29 22.78 -21.11
C THR A 43 -9.49 23.96 -20.59
N ASP A 44 -9.03 23.93 -19.33
CA ASP A 44 -8.31 25.06 -18.76
C ASP A 44 -6.80 24.99 -18.96
N THR A 45 -6.27 23.89 -19.51
CA THR A 45 -4.84 23.74 -19.72
C THR A 45 -4.58 23.43 -21.19
N GLU A 46 -3.74 24.26 -21.82
CA GLU A 46 -3.48 24.14 -23.25
C GLU A 46 -2.26 23.27 -23.52
N ASP A 47 -2.25 22.65 -24.70
CA ASP A 47 -1.11 21.90 -25.23
C ASP A 47 -0.59 20.87 -24.23
N VAL A 48 -1.46 19.95 -23.83
CA VAL A 48 -1.10 18.98 -22.80
C VAL A 48 -0.35 17.82 -23.46
N CYS A 49 0.94 17.66 -23.10
CA CYS A 49 1.80 16.66 -23.70
C CYS A 49 2.00 15.41 -22.83
N ILE A 50 1.71 15.48 -21.53
CA ILE A 50 1.75 14.30 -20.66
C ILE A 50 0.54 14.34 -19.74
N VAL A 51 -0.18 13.22 -19.65
CA VAL A 51 -1.31 13.07 -18.72
C VAL A 51 -1.15 11.69 -18.10
N GLU A 52 -0.89 11.63 -16.80
CA GLU A 52 -0.68 10.35 -16.12
C GLU A 52 -1.60 10.29 -14.91
N ARG A 53 -2.63 9.45 -15.00
CA ARG A 53 -3.57 9.19 -13.92
C ARG A 53 -3.02 8.12 -12.98
N LEU A 54 -3.41 8.20 -11.71
CA LEU A 54 -3.11 7.16 -10.71
C LEU A 54 -4.29 6.20 -10.62
N PHE A 55 -4.19 5.07 -11.32
CA PHE A 55 -5.25 4.05 -11.38
C PHE A 55 -6.57 4.76 -11.68
N SER A 56 -7.64 4.50 -10.94
CA SER A 56 -8.90 5.19 -11.15
C SER A 56 -9.18 6.22 -10.06
N SER A 57 -8.13 6.71 -9.41
CA SER A 57 -8.26 7.74 -8.41
C SER A 57 -8.48 9.09 -9.10
N SER A 58 -8.52 10.15 -8.29
CA SER A 58 -8.68 11.49 -8.83
C SER A 58 -7.35 12.21 -9.07
N LEU A 59 -6.22 11.57 -8.80
CA LEU A 59 -4.91 12.21 -8.91
C LEU A 59 -4.40 12.10 -10.34
N VAL A 60 -3.92 13.21 -10.89
CA VAL A 60 -3.34 13.19 -12.23
C VAL A 60 -2.11 14.09 -12.25
N ALA A 61 -1.11 13.68 -12.99
CA ALA A 61 0.09 14.47 -13.23
C ALA A 61 0.03 14.97 -14.67
N ILE A 62 0.24 16.26 -14.85
CA ILE A 62 0.06 16.93 -16.13
C ILE A 62 1.32 17.70 -16.47
N VAL A 63 1.74 17.64 -17.73
CA VAL A 63 2.76 18.54 -18.27
C VAL A 63 2.19 19.18 -19.52
N SER A 64 2.39 20.49 -19.66
CA SER A 64 1.94 21.29 -20.79
C SER A 64 3.12 21.79 -21.60
N LEU A 65 2.92 21.87 -22.92
CA LEU A 65 3.94 22.44 -23.80
C LEU A 65 4.18 23.93 -23.49
N LYS A 66 3.24 24.59 -22.80
CA LYS A 66 3.45 25.97 -22.38
C LYS A 66 4.49 26.08 -21.27
N ALA A 67 4.70 25.02 -20.50
CA ALA A 67 5.69 25.01 -19.42
C ALA A 67 6.30 23.61 -19.35
N PRO A 68 7.21 23.28 -20.28
CA PRO A 68 7.63 21.89 -20.44
C PRO A 68 8.59 21.40 -19.38
N ARG A 69 9.05 22.27 -18.48
CA ARG A 69 9.88 21.87 -17.35
C ARG A 69 9.08 21.73 -16.05
N LYS A 70 7.77 21.89 -16.10
CA LYS A 70 6.94 21.94 -14.90
C LYS A 70 5.97 20.77 -14.87
N LEU A 71 5.97 20.05 -13.76
CA LEU A 71 4.99 19.01 -13.49
C LEU A 71 3.89 19.58 -12.60
N LYS A 72 2.62 19.40 -12.98
CA LYS A 72 1.49 19.78 -12.15
C LYS A 72 0.79 18.52 -11.65
N VAL A 73 0.56 18.45 -10.33
CA VAL A 73 -0.22 17.37 -9.72
C VAL A 73 -1.59 17.94 -9.33
N CYS A 74 -2.66 17.34 -9.84
CA CYS A 74 -3.99 17.92 -9.70
C CYS A 74 -4.99 16.89 -9.20
N HIS A 75 -6.07 17.40 -8.61
CA HIS A 75 -7.28 16.61 -8.32
C HIS A 75 -8.23 16.95 -9.47
N PHE A 76 -8.32 16.07 -10.47
CA PHE A 76 -8.94 16.51 -11.72
C PHE A 76 -10.44 16.67 -11.59
N LYS A 77 -11.10 15.88 -10.75
CA LYS A 77 -12.55 16.03 -10.61
C LYS A 77 -12.89 17.34 -9.93
N LYS A 78 -12.17 17.70 -8.86
CA LYS A 78 -12.38 19.00 -8.24
C LYS A 78 -11.81 20.15 -9.08
N GLY A 79 -10.91 19.86 -10.00
CA GLY A 79 -10.32 20.90 -10.82
C GLY A 79 -9.28 21.74 -10.12
N THR A 80 -8.58 21.17 -9.14
CA THR A 80 -7.62 21.92 -8.34
C THR A 80 -6.21 21.46 -8.63
N GLU A 81 -5.28 22.43 -8.65
CA GLU A 81 -3.86 22.12 -8.65
C GLU A 81 -3.43 21.91 -7.21
N ILE A 82 -2.88 20.74 -6.91
CA ILE A 82 -2.40 20.46 -5.56
C ILE A 82 -1.00 21.05 -5.37
N CYS A 83 -0.09 20.73 -6.28
CA CYS A 83 1.26 21.27 -6.18
C CYS A 83 1.93 21.15 -7.53
N ASN A 84 3.10 21.76 -7.64
CA ASN A 84 3.87 21.61 -8.85
C ASN A 84 5.34 21.58 -8.51
N TYR A 85 6.14 21.21 -9.50
CA TYR A 85 7.58 21.09 -9.36
C TYR A 85 8.21 21.39 -10.71
N SER A 86 9.30 22.14 -10.71
CA SER A 86 10.02 22.50 -11.93
C SER A 86 11.42 21.92 -11.92
N TYR A 87 11.86 21.43 -13.07
CA TYR A 87 13.12 20.72 -13.21
C TYR A 87 14.04 21.54 -14.09
N SER A 88 15.32 21.17 -14.13
CA SER A 88 16.27 21.98 -14.90
C SER A 88 16.17 21.76 -16.40
N ASN A 89 15.46 20.74 -16.87
CA ASN A 89 15.31 20.48 -18.29
C ASN A 89 13.91 19.92 -18.52
N THR A 90 13.56 19.72 -19.78
CA THR A 90 12.19 19.34 -20.13
C THR A 90 11.84 17.92 -19.64
N ILE A 91 10.61 17.77 -19.18
CA ILE A 91 10.08 16.50 -18.70
C ILE A 91 9.77 15.61 -19.90
N LEU A 92 10.40 14.43 -19.94
CA LEU A 92 10.17 13.50 -21.05
C LEU A 92 9.17 12.41 -20.73
N ALA A 93 9.03 12.03 -19.46
CA ALA A 93 8.08 10.99 -19.07
C ALA A 93 7.75 11.15 -17.60
N VAL A 94 6.54 10.73 -17.22
CA VAL A 94 6.12 10.67 -15.83
C VAL A 94 5.47 9.31 -15.59
N LYS A 95 5.91 8.62 -14.54
CA LYS A 95 5.34 7.31 -14.19
C LYS A 95 4.92 7.37 -12.73
N LEU A 96 3.81 6.70 -12.39
CA LEU A 96 3.46 6.75 -10.99
C LEU A 96 2.81 5.44 -10.55
N ASN A 97 2.90 5.19 -9.25
CA ASN A 97 2.17 4.10 -8.61
C ASN A 97 1.69 4.63 -7.26
N ARG A 98 1.18 3.75 -6.41
CA ARG A 98 0.54 4.26 -5.18
C ARG A 98 1.52 4.80 -4.16
N GLN A 99 2.81 4.59 -4.36
CA GLN A 99 3.81 5.07 -3.42
C GLN A 99 4.79 6.08 -3.99
N ARG A 100 5.03 6.08 -5.30
CA ARG A 100 6.12 6.85 -5.90
C ARG A 100 5.65 7.52 -7.19
N LEU A 101 6.24 8.69 -7.47
CA LEU A 101 6.06 9.35 -8.76
C LEU A 101 7.45 9.59 -9.32
N ILE A 102 7.69 9.17 -10.56
CA ILE A 102 9.02 9.27 -11.18
C ILE A 102 8.93 10.28 -12.32
N VAL A 103 9.87 11.21 -12.36
CA VAL A 103 9.98 12.14 -13.48
C VAL A 103 11.28 11.83 -14.22
N CYS A 104 11.18 11.62 -15.53
CA CYS A 104 12.32 11.29 -16.37
C CYS A 104 12.70 12.51 -17.20
N LEU A 105 13.92 13.00 -17.01
CA LEU A 105 14.55 13.98 -17.88
C LEU A 105 15.55 13.23 -18.77
N GLU A 106 16.12 13.95 -19.74
CA GLU A 106 17.07 13.29 -20.63
C GLU A 106 18.28 12.77 -19.87
N GLU A 107 18.72 13.50 -18.85
CA GLU A 107 19.97 13.22 -18.18
C GLU A 107 19.81 12.86 -16.70
N SER A 108 18.57 12.81 -16.17
CA SER A 108 18.39 12.53 -14.75
C SER A 108 16.97 12.06 -14.49
N LEU A 109 16.81 11.37 -13.35
CA LEU A 109 15.52 10.86 -12.90
C LEU A 109 15.25 11.32 -11.48
N TYR A 110 14.03 11.76 -11.23
CA TYR A 110 13.62 12.22 -9.90
C TYR A 110 12.61 11.22 -9.33
N ILE A 111 12.83 10.80 -8.11
CA ILE A 111 11.92 9.86 -7.45
C ILE A 111 11.23 10.61 -6.31
N HIS A 112 9.92 10.80 -6.45
CA HIS A 112 9.11 11.52 -5.47
C HIS A 112 8.30 10.54 -4.62
N ASN A 113 8.15 10.90 -3.34
CA ASN A 113 7.12 10.28 -2.51
C ASN A 113 5.77 10.84 -2.92
N ILE A 114 4.86 9.97 -3.36
CA ILE A 114 3.59 10.50 -3.87
C ILE A 114 2.65 10.92 -2.75
N ARG A 115 2.98 10.60 -1.50
CA ARG A 115 2.19 11.02 -0.35
C ARG A 115 2.43 12.48 0.02
N ASP A 116 3.63 13.02 -0.24
CA ASP A 116 3.89 14.43 0.05
C ASP A 116 4.61 15.15 -1.08
N MET A 117 4.89 14.46 -2.19
CA MET A 117 5.59 14.96 -3.37
C MET A 117 7.02 15.41 -3.09
N LYS A 118 7.60 15.05 -1.94
CA LYS A 118 9.01 15.35 -1.72
C LYS A 118 9.90 14.48 -2.61
N VAL A 119 11.00 15.07 -3.09
CA VAL A 119 12.02 14.31 -3.81
C VAL A 119 12.76 13.43 -2.80
N LEU A 120 12.70 12.11 -3.01
CA LEU A 120 13.44 11.19 -2.14
C LEU A 120 14.84 10.89 -2.64
N HIS A 121 15.02 10.93 -3.95
CA HIS A 121 16.29 10.52 -4.54
C HIS A 121 16.32 11.10 -5.94
N THR A 122 17.51 11.49 -6.37
CA THR A 122 17.78 11.97 -7.71
C THR A 122 18.86 11.10 -8.31
N ILE A 123 18.58 10.49 -9.44
CA ILE A 123 19.59 9.77 -10.20
C ILE A 123 20.18 10.75 -11.21
N ARG A 124 21.48 11.03 -11.07
CA ARG A 124 22.16 12.06 -11.84
C ARG A 124 23.01 11.46 -12.95
N GLU A 125 23.23 12.24 -14.00
CA GLU A 125 24.14 11.88 -15.10
C GLU A 125 23.84 10.50 -15.69
N THR A 126 22.56 10.24 -15.95
CA THR A 126 22.22 9.02 -16.64
C THR A 126 22.72 9.12 -18.08
N PRO A 127 22.98 7.99 -18.73
CA PRO A 127 23.18 8.00 -20.18
C PRO A 127 22.02 8.70 -20.85
N PRO A 128 22.29 9.52 -21.87
CA PRO A 128 21.24 10.35 -22.47
C PRO A 128 20.05 9.53 -22.94
N ASN A 129 18.86 9.98 -22.56
CA ASN A 129 17.62 9.23 -22.75
C ASN A 129 16.62 10.16 -23.42
N PRO A 130 16.86 10.52 -24.69
CA PRO A 130 15.99 11.52 -25.33
C PRO A 130 14.57 11.05 -25.52
N ALA A 131 14.34 9.75 -25.60
CA ALA A 131 13.01 9.21 -25.75
C ALA A 131 12.22 9.15 -24.44
N GLY A 132 12.86 9.44 -23.30
CA GLY A 132 12.15 9.29 -22.04
C GLY A 132 11.79 7.85 -21.75
N LEU A 133 12.62 6.92 -22.19
CA LEU A 133 12.35 5.50 -22.02
C LEU A 133 12.53 5.10 -20.55
N CYS A 134 11.47 4.63 -19.92
CA CYS A 134 11.57 4.09 -18.57
C CYS A 134 10.29 3.32 -18.26
N ALA A 135 10.34 2.55 -17.18
CA ALA A 135 9.21 1.75 -16.76
C ALA A 135 9.20 1.70 -15.24
N LEU A 136 8.00 1.70 -14.67
CA LEU A 136 7.84 1.66 -13.22
C LEU A 136 6.81 0.61 -12.88
N SER A 137 7.17 -0.28 -11.97
CA SER A 137 6.26 -1.33 -11.53
C SER A 137 5.03 -0.73 -10.85
N ILE A 138 3.86 -1.35 -11.06
CA ILE A 138 2.65 -0.90 -10.39
C ILE A 138 2.42 -1.62 -9.08
N ASN A 139 3.32 -2.52 -8.70
CA ASN A 139 3.16 -3.38 -7.54
C ASN A 139 3.95 -2.82 -6.35
N ASN A 140 3.31 -2.71 -5.19
CA ASN A 140 3.94 -2.07 -4.05
C ASN A 140 5.06 -2.93 -3.45
N ASP A 141 4.96 -4.25 -3.55
CA ASP A 141 5.97 -5.12 -2.94
C ASP A 141 7.21 -5.27 -3.81
N ASN A 142 7.07 -5.15 -5.12
CA ASN A 142 8.19 -5.19 -6.06
C ASN A 142 8.19 -3.87 -6.81
N CYS A 143 8.68 -2.82 -6.15
CA CYS A 143 8.50 -1.43 -6.62
C CYS A 143 9.77 -0.96 -7.35
N TYR A 144 9.96 -1.53 -8.54
CA TYR A 144 11.18 -1.31 -9.28
C TYR A 144 10.98 -0.30 -10.40
N LEU A 145 12.03 0.46 -10.66
CA LEU A 145 12.15 1.35 -11.80
C LEU A 145 13.19 0.77 -12.76
N ALA A 146 12.88 0.78 -14.06
CA ALA A 146 13.84 0.37 -15.09
C ALA A 146 14.09 1.54 -16.03
N TYR A 147 15.36 1.72 -16.40
CA TYR A 147 15.73 2.79 -17.33
C TYR A 147 17.03 2.40 -18.02
N PRO A 148 17.39 3.06 -19.13
CA PRO A 148 18.58 2.61 -19.89
C PRO A 148 19.87 2.90 -19.15
N GLY A 149 20.69 1.86 -19.00
CA GLY A 149 22.01 2.01 -18.39
C GLY A 149 23.10 2.42 -19.37
N SER A 150 22.79 2.49 -20.65
CA SER A 150 23.74 2.93 -21.68
C SER A 150 22.94 3.56 -22.82
N ALA A 151 23.54 4.56 -23.48
CA ALA A 151 22.91 5.13 -24.66
C ALA A 151 23.33 4.45 -25.96
N THR A 152 24.30 3.54 -25.92
CA THR A 152 24.77 2.86 -27.12
C THR A 152 24.62 1.35 -27.08
N ILE A 153 24.47 0.76 -25.90
CA ILE A 153 24.26 -0.67 -25.69
C ILE A 153 22.93 -0.86 -24.97
N GLY A 154 22.29 -2.01 -25.19
CA GLY A 154 21.00 -2.30 -24.56
C GLY A 154 21.03 -2.81 -23.14
N GLU A 155 21.62 -2.04 -22.23
CA GLU A 155 21.69 -2.38 -20.82
C GLU A 155 20.56 -1.69 -20.05
N VAL A 156 19.94 -2.43 -19.13
CA VAL A 156 18.84 -1.90 -18.30
C VAL A 156 19.33 -1.75 -16.86
N GLN A 157 19.22 -0.53 -16.31
CA GLN A 157 19.37 -0.34 -14.86
C GLN A 157 18.06 -0.62 -14.16
N VAL A 158 18.12 -1.43 -13.11
CA VAL A 158 16.96 -1.76 -12.28
C VAL A 158 17.22 -1.15 -10.91
N PHE A 159 16.28 -0.31 -10.45
CA PHE A 159 16.43 0.51 -9.25
C PHE A 159 15.23 0.29 -8.33
N ASP A 160 15.50 -0.01 -7.05
CA ASP A 160 14.45 -0.18 -6.04
C ASP A 160 13.99 1.19 -5.54
N THR A 161 12.75 1.60 -5.87
CA THR A 161 12.32 2.95 -5.52
C THR A 161 11.81 3.08 -4.09
N ILE A 162 11.70 1.99 -3.35
CA ILE A 162 11.36 2.08 -1.93
C ILE A 162 12.61 2.22 -1.09
N ASN A 163 13.58 1.33 -1.27
CA ASN A 163 14.84 1.36 -0.56
C ASN A 163 15.85 2.28 -1.20
N LEU A 164 15.54 2.84 -2.37
CA LEU A 164 16.37 3.86 -3.01
C LEU A 164 17.78 3.34 -3.28
N ARG A 165 17.86 2.13 -3.84
CA ARG A 165 19.14 1.53 -4.18
C ARG A 165 19.03 0.76 -5.50
N ALA A 166 20.16 0.69 -6.20
CA ALA A 166 20.23 -0.14 -7.40
C ALA A 166 20.04 -1.60 -7.02
N ALA A 167 19.34 -2.35 -7.88
CA ALA A 167 19.19 -3.78 -7.67
C ALA A 167 19.94 -4.64 -8.69
N ASN A 168 20.08 -4.17 -9.93
CA ASN A 168 20.75 -4.97 -10.94
C ASN A 168 20.95 -4.11 -12.18
N MET A 169 21.81 -4.58 -13.07
CA MET A 169 21.98 -4.02 -14.40
C MET A 169 21.95 -5.22 -15.33
N ILE A 170 21.06 -5.19 -16.31
CA ILE A 170 20.77 -6.33 -17.18
C ILE A 170 21.27 -6.00 -18.59
N PRO A 171 22.22 -6.75 -19.12
CA PRO A 171 22.56 -6.63 -20.55
C PRO A 171 21.49 -7.26 -21.41
N ALA A 172 20.51 -6.45 -21.85
CA ALA A 172 19.31 -6.99 -22.47
C ALA A 172 19.48 -7.22 -23.98
N HIS A 173 20.10 -6.28 -24.68
CA HIS A 173 20.26 -6.33 -26.12
C HIS A 173 21.60 -5.70 -26.48
N ASP A 174 22.09 -6.02 -27.68
CA ASP A 174 23.33 -5.40 -28.14
C ASP A 174 23.09 -3.97 -28.57
N SER A 175 21.96 -3.70 -29.25
CA SER A 175 21.66 -2.34 -29.65
C SER A 175 20.92 -1.60 -28.55
N PRO A 176 20.87 -0.26 -28.61
CA PRO A 176 20.17 0.49 -27.56
C PRO A 176 18.72 0.10 -27.42
N LEU A 177 18.19 0.30 -26.23
CA LEU A 177 16.81 -0.06 -25.91
C LEU A 177 15.83 0.82 -26.69
N ALA A 178 14.69 0.22 -27.02
CA ALA A 178 13.58 0.93 -27.65
C ALA A 178 12.30 0.91 -26.82
N ALA A 179 12.11 -0.09 -25.98
CA ALA A 179 10.87 -0.18 -25.22
C ALA A 179 11.10 -1.05 -23.99
N LEU A 180 10.33 -0.75 -22.93
CA LEU A 180 10.44 -1.44 -21.66
C LEU A 180 9.06 -1.54 -21.03
N ALA A 181 8.76 -2.69 -20.40
CA ALA A 181 7.49 -2.81 -19.71
C ALA A 181 7.59 -3.81 -18.58
N PHE A 182 7.08 -3.45 -17.39
CA PHE A 182 6.94 -4.41 -16.29
C PHE A 182 5.60 -5.14 -16.39
N ASP A 183 5.60 -6.40 -15.94
CA ASP A 183 4.31 -7.04 -15.72
C ASP A 183 3.67 -6.53 -14.42
N ALA A 184 2.40 -6.87 -14.21
CA ALA A 184 1.67 -6.33 -13.07
C ALA A 184 2.26 -6.76 -11.72
N SER A 185 2.92 -7.92 -11.68
CA SER A 185 3.54 -8.38 -10.43
C SER A 185 4.83 -7.65 -10.11
N GLY A 186 5.44 -7.01 -11.09
CA GLY A 186 6.73 -6.39 -10.91
C GLY A 186 7.91 -7.35 -10.91
N THR A 187 7.70 -8.62 -11.26
CA THR A 187 8.75 -9.63 -11.23
C THR A 187 9.25 -10.02 -12.60
N LYS A 188 8.70 -9.43 -13.68
CA LYS A 188 9.11 -9.70 -15.05
C LYS A 188 9.24 -8.36 -15.77
N LEU A 189 10.26 -8.24 -16.62
CA LEU A 189 10.46 -7.02 -17.41
C LEU A 189 10.63 -7.42 -18.88
N ALA A 190 9.79 -6.86 -19.75
CA ALA A 190 9.92 -7.08 -21.19
C ALA A 190 10.76 -5.95 -21.79
N THR A 191 11.61 -6.30 -22.77
CA THR A 191 12.57 -5.35 -23.34
C THR A 191 12.65 -5.53 -24.85
N ALA A 192 12.91 -4.44 -25.56
CA ALA A 192 13.19 -4.48 -27.00
C ALA A 192 14.24 -3.46 -27.35
N SER A 193 15.02 -3.76 -28.38
CA SER A 193 16.04 -2.84 -28.86
C SER A 193 15.61 -2.11 -30.13
N GLU A 194 16.45 -1.16 -30.55
CA GLU A 194 16.21 -0.42 -31.79
C GLU A 194 16.19 -1.31 -33.02
N LYS A 195 16.81 -2.50 -32.97
CA LYS A 195 16.69 -3.42 -34.10
C LYS A 195 15.28 -4.01 -34.16
N GLY A 196 14.68 -4.26 -32.99
CA GLY A 196 13.29 -4.68 -32.92
C GLY A 196 13.02 -6.10 -33.35
N THR A 197 14.05 -6.92 -33.43
CA THR A 197 13.91 -8.28 -33.96
C THR A 197 13.65 -9.31 -32.87
N VAL A 198 13.97 -9.00 -31.62
CA VAL A 198 13.84 -9.93 -30.52
C VAL A 198 13.21 -9.17 -29.36
N ILE A 199 12.15 -9.74 -28.77
CA ILE A 199 11.59 -9.27 -27.51
C ILE A 199 12.04 -10.23 -26.42
N ARG A 200 12.66 -9.71 -25.38
CA ARG A 200 13.13 -10.54 -24.27
C ARG A 200 12.37 -10.21 -22.99
N VAL A 201 12.23 -11.21 -22.12
CA VAL A 201 11.62 -11.06 -20.80
C VAL A 201 12.62 -11.56 -19.77
N PHE A 202 12.88 -10.73 -18.77
CA PHE A 202 13.80 -11.08 -17.69
C PHE A 202 13.08 -11.09 -16.36
N SER A 203 13.53 -11.96 -15.45
CA SER A 203 13.07 -11.89 -14.07
C SER A 203 13.67 -10.66 -13.40
N ILE A 204 12.95 -10.13 -12.42
CA ILE A 204 13.28 -8.90 -11.71
C ILE A 204 13.17 -9.22 -10.23
N PRO A 205 14.20 -8.96 -9.41
CA PRO A 205 15.45 -8.28 -9.77
C PRO A 205 16.58 -9.19 -10.25
N GLU A 206 16.36 -10.50 -10.35
CA GLU A 206 17.48 -11.41 -10.56
C GLU A 206 18.11 -11.24 -11.94
N GLY A 207 17.35 -10.84 -12.96
CA GLY A 207 17.94 -10.59 -14.25
C GLY A 207 18.15 -11.82 -15.11
N GLN A 208 17.48 -12.92 -14.82
CA GLN A 208 17.59 -14.10 -15.66
C GLN A 208 16.67 -13.99 -16.88
N LYS A 209 17.19 -14.32 -18.06
CA LYS A 209 16.37 -14.32 -19.27
C LYS A 209 15.36 -15.45 -19.20
N LEU A 210 14.07 -15.10 -19.24
CA LEU A 210 13.01 -16.09 -19.13
C LEU A 210 12.37 -16.44 -20.47
N PHE A 211 12.23 -15.45 -21.36
CA PHE A 211 11.60 -15.70 -22.65
C PHE A 211 12.36 -14.91 -23.69
N GLU A 212 12.36 -15.44 -24.92
CA GLU A 212 12.93 -14.76 -26.07
C GLU A 212 11.99 -14.99 -27.23
N PHE A 213 11.41 -13.92 -27.75
CA PHE A 213 10.40 -13.99 -28.78
C PHE A 213 10.92 -13.34 -30.06
N ARG A 214 10.69 -13.98 -31.20
CA ARG A 214 11.04 -13.40 -32.49
C ARG A 214 9.77 -12.86 -33.16
N ARG A 215 9.86 -11.66 -33.71
CA ARG A 215 8.71 -11.05 -34.39
C ARG A 215 8.58 -11.53 -35.83
N GLY A 216 8.63 -12.85 -36.03
CA GLY A 216 8.67 -13.38 -37.38
C GLY A 216 9.90 -12.98 -38.17
N VAL A 217 10.93 -12.45 -37.51
CA VAL A 217 12.15 -12.07 -38.20
C VAL A 217 11.89 -11.05 -39.27
N LYS A 218 12.58 -11.21 -40.40
CA LYS A 218 12.37 -10.32 -41.53
C LYS A 218 13.26 -9.10 -41.44
N ARG A 219 12.64 -7.91 -41.54
CA ARG A 219 13.33 -6.65 -41.43
C ARG A 219 13.24 -6.05 -40.02
N CYS A 220 13.79 -4.85 -39.89
CA CYS A 220 13.88 -4.16 -38.61
C CYS A 220 12.78 -3.10 -38.49
N VAL A 221 12.20 -3.00 -37.30
CA VAL A 221 11.12 -2.08 -37.01
C VAL A 221 11.53 -1.19 -35.83
N SER A 222 10.75 -0.13 -35.63
CA SER A 222 10.90 0.73 -34.47
C SER A 222 9.77 0.39 -33.50
N ILE A 223 10.08 -0.45 -32.51
CA ILE A 223 9.10 -0.86 -31.53
C ILE A 223 8.73 0.34 -30.67
N CYS A 224 7.43 0.63 -30.56
CA CYS A 224 7.04 1.79 -29.78
C CYS A 224 6.25 1.45 -28.52
N SER A 225 5.84 0.21 -28.32
CA SER A 225 4.96 -0.11 -27.19
C SER A 225 5.08 -1.59 -26.85
N LEU A 226 5.34 -1.89 -25.58
CA LEU A 226 5.21 -3.24 -25.02
C LEU A 226 4.20 -3.21 -23.88
N ALA A 227 3.40 -4.25 -23.75
CA ALA A 227 2.37 -4.25 -22.72
C ALA A 227 2.04 -5.68 -22.32
N PHE A 228 1.97 -5.94 -21.03
CA PHE A 228 1.51 -7.22 -20.51
C PHE A 228 0.01 -7.18 -20.24
N SER A 229 -0.62 -8.35 -20.37
CA SER A 229 -1.96 -8.52 -19.81
C SER A 229 -1.85 -8.53 -18.29
N MET A 230 -2.98 -8.24 -17.62
CA MET A 230 -2.93 -8.12 -16.16
C MET A 230 -2.51 -9.42 -15.50
N ASP A 231 -2.86 -10.57 -16.07
CA ASP A 231 -2.45 -11.85 -15.50
C ASP A 231 -1.05 -12.27 -15.91
N GLY A 232 -0.38 -11.49 -16.75
CA GLY A 232 0.99 -11.76 -17.14
C GLY A 232 1.17 -12.86 -18.17
N MET A 233 0.09 -13.43 -18.69
CA MET A 233 0.23 -14.52 -19.66
C MET A 233 0.51 -14.04 -21.08
N PHE A 234 0.18 -12.80 -21.40
CA PHE A 234 0.31 -12.31 -22.76
C PHE A 234 1.11 -11.01 -22.77
N LEU A 235 1.84 -10.81 -23.85
CA LEU A 235 2.69 -9.65 -24.04
C LEU A 235 2.52 -9.17 -25.46
N SER A 236 2.11 -7.92 -25.65
CA SER A 236 1.96 -7.35 -26.98
C SER A 236 3.12 -6.43 -27.31
N ALA A 237 3.47 -6.38 -28.60
CA ALA A 237 4.55 -5.53 -29.08
C ALA A 237 4.09 -4.84 -30.36
N SER A 238 4.02 -3.50 -30.35
CA SER A 238 3.64 -2.76 -31.55
C SER A 238 4.78 -1.88 -32.02
N SER A 239 4.66 -1.39 -33.26
CA SER A 239 5.76 -0.67 -33.87
C SER A 239 5.23 0.35 -34.87
N ASN A 240 6.14 0.87 -35.68
CA ASN A 240 5.81 1.77 -36.78
C ASN A 240 5.40 1.03 -38.04
N THR A 241 5.06 -0.26 -37.93
CA THR A 241 4.50 -1.05 -39.02
C THR A 241 3.06 -1.42 -38.73
N GLU A 242 2.45 -2.16 -39.65
CA GLU A 242 1.03 -2.50 -39.57
C GLU A 242 0.75 -3.72 -38.70
N THR A 243 1.77 -4.39 -38.18
CA THR A 243 1.57 -5.64 -37.46
C THR A 243 1.84 -5.45 -35.98
N VAL A 244 0.90 -5.91 -35.15
CA VAL A 244 1.13 -6.06 -33.71
C VAL A 244 1.26 -7.54 -33.41
N HIS A 245 2.31 -7.91 -32.67
CA HIS A 245 2.52 -9.29 -32.24
C HIS A 245 2.12 -9.45 -30.78
N ILE A 246 1.45 -10.57 -30.48
CA ILE A 246 1.08 -10.93 -29.12
C ILE A 246 1.73 -12.28 -28.83
N PHE A 247 2.53 -12.31 -27.78
CA PHE A 247 3.26 -13.51 -27.37
C PHE A 247 2.60 -14.08 -26.12
N LYS A 248 2.66 -15.40 -26.00
CA LYS A 248 2.08 -16.10 -24.85
C LYS A 248 3.22 -16.67 -24.04
N LEU A 249 3.24 -16.38 -22.75
CA LEU A 249 4.38 -16.77 -21.93
C LEU A 249 4.18 -18.16 -21.32
N GLU A 250 4.04 -19.15 -22.19
CA GLU A 250 3.98 -20.55 -21.84
C GLU A 250 5.28 -21.27 -22.16
N THR A 251 5.62 -22.26 -21.34
CA THR A 251 6.76 -23.14 -21.61
C THR A 251 6.46 -24.11 -22.75
N GLY A 260 8.73 -18.91 -28.73
CA GLY A 260 9.70 -18.20 -29.54
C GLY A 260 9.06 -17.26 -30.54
N ARG A 261 7.83 -17.54 -30.93
CA ARG A 261 7.15 -16.77 -31.97
C ARG A 261 5.81 -16.26 -31.46
N ALA A 262 5.19 -15.40 -32.27
CA ALA A 262 3.92 -14.78 -31.90
C ALA A 262 2.82 -15.82 -31.76
N PHE A 263 2.04 -15.67 -30.70
CA PHE A 263 0.86 -16.49 -30.49
C PHE A 263 -0.33 -15.97 -31.29
N ALA A 264 -0.43 -14.64 -31.42
CA ALA A 264 -1.52 -14.03 -32.17
C ALA A 264 -0.98 -12.77 -32.80
N THR A 265 -1.67 -12.27 -33.83
CA THR A 265 -1.27 -11.03 -34.48
C THR A 265 -2.50 -10.20 -34.76
N VAL A 266 -2.29 -8.90 -34.89
CA VAL A 266 -3.33 -8.05 -35.47
C VAL A 266 -2.71 -7.24 -36.59
N ARG A 267 -3.52 -7.02 -37.61
CA ARG A 267 -3.16 -6.24 -38.78
C ARG A 267 -3.89 -4.90 -38.65
N LEU A 268 -3.14 -3.84 -38.46
CA LEU A 268 -3.65 -2.48 -38.37
C LEU A 268 -3.99 -1.96 -39.78
N PRO A 269 -4.94 -1.02 -39.88
CA PRO A 269 -5.29 -0.44 -41.18
C PRO A 269 -4.33 0.65 -41.67
N PHE A 270 -3.18 0.83 -41.01
CA PHE A 270 -2.19 1.83 -41.40
C PHE A 270 -0.79 1.25 -41.21
N CYS A 271 0.20 1.92 -41.81
CA CYS A 271 1.59 1.53 -41.63
C CYS A 271 2.43 2.78 -41.41
N GLY A 272 2.94 2.94 -40.19
CA GLY A 272 3.83 4.03 -39.84
C GLY A 272 3.38 4.92 -38.69
N HIS A 273 2.11 4.95 -38.32
CA HIS A 273 1.75 5.82 -37.21
C HIS A 273 2.27 5.26 -35.91
N LYS A 274 2.72 6.15 -35.01
CA LYS A 274 3.04 5.69 -33.67
C LYS A 274 1.75 5.31 -32.96
N ASN A 275 1.85 4.34 -32.07
CA ASN A 275 0.65 3.87 -31.41
C ASN A 275 1.02 3.34 -30.04
N ILE A 276 0.00 3.15 -29.23
CA ILE A 276 0.16 2.58 -27.90
C ILE A 276 -0.82 1.42 -27.80
N CYS A 277 -0.38 0.32 -27.24
CA CYS A 277 -1.22 -0.86 -27.10
C CYS A 277 -1.44 -1.17 -25.64
N SER A 278 -2.53 -1.90 -25.38
CA SER A 278 -2.71 -2.50 -24.08
C SER A 278 -3.57 -3.75 -24.25
N LEU A 279 -3.39 -4.69 -23.33
CA LEU A 279 -4.16 -5.92 -23.30
C LEU A 279 -5.13 -5.80 -22.14
N ALA A 280 -6.42 -5.75 -22.44
CA ALA A 280 -7.43 -5.53 -21.42
C ALA A 280 -8.57 -6.52 -21.60
N THR A 281 -9.11 -7.01 -20.49
CA THR A 281 -10.31 -7.83 -20.53
C THR A 281 -11.53 -6.95 -20.36
N ILE A 282 -12.41 -6.96 -21.35
CA ILE A 282 -13.62 -6.14 -21.35
C ILE A 282 -14.82 -7.06 -21.54
N GLN A 283 -15.75 -7.02 -20.59
CA GLN A 283 -16.94 -7.87 -20.63
C GLN A 283 -16.58 -9.33 -20.88
N LYS A 284 -15.61 -9.81 -20.09
CA LYS A 284 -15.12 -11.19 -20.03
C LYS A 284 -14.29 -11.61 -21.24
N ILE A 285 -14.02 -10.73 -22.19
CA ILE A 285 -13.30 -11.09 -23.40
C ILE A 285 -11.98 -10.34 -23.43
N PRO A 286 -10.84 -11.04 -23.52
CA PRO A 286 -9.55 -10.34 -23.63
C PRO A 286 -9.44 -9.61 -24.96
N ARG A 287 -8.96 -8.37 -24.90
CA ARG A 287 -8.92 -7.53 -26.08
C ARG A 287 -7.55 -6.87 -26.18
N LEU A 288 -7.16 -6.60 -27.42
CA LEU A 288 -6.01 -5.74 -27.68
C LEU A 288 -6.56 -4.38 -28.05
N LEU A 289 -6.15 -3.37 -27.29
CA LEU A 289 -6.56 -1.99 -27.54
C LEU A 289 -5.38 -1.25 -28.15
N VAL A 290 -5.62 -0.55 -29.24
CA VAL A 290 -4.55 0.19 -29.91
C VAL A 290 -4.99 1.64 -30.05
N GLY A 291 -4.28 2.53 -29.36
CA GLY A 291 -4.49 3.96 -29.55
C GLY A 291 -3.49 4.47 -30.57
N ALA A 292 -3.96 5.01 -31.69
CA ALA A 292 -3.06 5.33 -32.78
C ALA A 292 -3.02 6.83 -33.04
N ALA A 293 -1.93 7.26 -33.69
CA ALA A 293 -1.74 8.66 -34.01
C ALA A 293 -2.67 9.13 -35.12
N ASP A 294 -3.35 8.21 -35.81
CA ASP A 294 -4.35 8.60 -36.79
C ASP A 294 -5.65 9.06 -36.12
N GLY A 295 -5.70 9.08 -34.79
CA GLY A 295 -6.88 9.56 -34.08
C GLY A 295 -7.95 8.54 -33.77
N TYR A 296 -7.64 7.25 -33.84
CA TYR A 296 -8.62 6.23 -33.50
C TYR A 296 -8.10 5.32 -32.39
N LEU A 297 -9.05 4.78 -31.61
CA LEU A 297 -8.82 3.63 -30.76
C LEU A 297 -9.43 2.41 -31.42
N TYR A 298 -8.61 1.37 -31.63
CA TYR A 298 -9.03 0.12 -32.24
C TYR A 298 -9.12 -0.95 -31.17
N MET A 299 -10.17 -1.77 -31.23
CA MET A 299 -10.36 -2.85 -30.26
C MET A 299 -10.44 -4.17 -31.01
N TYR A 300 -9.54 -5.10 -30.69
CA TYR A 300 -9.48 -6.41 -31.32
C TYR A 300 -9.76 -7.49 -30.29
N ASN A 301 -10.40 -8.57 -30.73
CA ASN A 301 -10.71 -9.69 -29.85
C ASN A 301 -9.60 -10.72 -29.90
N LEU A 302 -9.07 -11.10 -28.74
CA LEU A 302 -8.03 -12.12 -28.64
C LEU A 302 -8.63 -13.43 -28.14
N ASP A 303 -8.32 -14.51 -28.84
CA ASP A 303 -8.64 -15.87 -28.43
C ASP A 303 -7.46 -16.42 -27.64
N PRO A 304 -7.56 -16.50 -26.31
CA PRO A 304 -6.38 -16.87 -25.50
C PRO A 304 -6.00 -18.34 -25.59
N GLN A 305 -6.84 -19.18 -26.19
CA GLN A 305 -6.53 -20.59 -26.34
C GLN A 305 -6.00 -20.93 -27.73
N GLU A 306 -6.51 -20.29 -28.77
CA GLU A 306 -6.19 -20.58 -30.16
C GLU A 306 -5.24 -19.57 -30.78
N GLY A 307 -5.35 -18.29 -30.45
CA GLY A 307 -4.47 -17.32 -31.08
C GLY A 307 -4.84 -17.08 -32.53
N GLY A 308 -3.81 -16.90 -33.37
CA GLY A 308 -4.05 -16.57 -34.76
C GLY A 308 -4.27 -15.08 -34.96
N GLU A 309 -4.82 -14.74 -36.12
CA GLU A 309 -5.12 -13.35 -36.44
C GLU A 309 -6.35 -12.91 -35.67
N CYS A 310 -6.29 -11.74 -35.04
CA CYS A 310 -7.39 -11.23 -34.24
C CYS A 310 -8.29 -10.32 -35.06
N ALA A 311 -9.59 -10.51 -34.89
CA ALA A 311 -10.57 -9.72 -35.63
C ALA A 311 -10.82 -8.38 -34.94
N LEU A 312 -11.12 -7.38 -35.76
CA LEU A 312 -11.49 -6.06 -35.27
C LEU A 312 -12.91 -6.06 -34.73
N MET A 313 -13.08 -5.58 -33.50
CA MET A 313 -14.42 -5.51 -32.93
C MET A 313 -15.01 -4.10 -33.07
N LYS A 314 -14.22 -3.06 -32.75
CA LYS A 314 -14.70 -1.69 -32.80
C LYS A 314 -13.53 -0.76 -33.08
N GLN A 315 -13.84 0.40 -33.69
CA GLN A 315 -12.89 1.50 -33.71
C GLN A 315 -13.65 2.78 -33.39
N HIS A 316 -13.05 3.59 -32.52
CA HIS A 316 -13.66 4.78 -31.94
C HIS A 316 -12.76 5.98 -32.17
N ARG A 317 -13.37 7.15 -32.43
CA ARG A 317 -12.61 8.39 -32.53
C ARG A 317 -12.06 8.78 -31.16
N LEU A 318 -10.74 9.03 -31.09
CA LEU A 318 -10.09 9.44 -29.85
C LEU A 318 -10.57 10.79 -29.35
N ASP A 319 -11.17 11.61 -30.21
CA ASP A 319 -11.65 12.92 -29.80
C ASP A 319 -13.05 12.89 -29.17
N GLY A 320 -13.70 11.73 -29.13
CA GLY A 320 -15.01 11.61 -28.50
C GLY A 320 -16.20 11.83 -29.42
N GLU B 5 9.18 29.25 8.69
CA GLU B 5 8.39 30.37 9.19
C GLU B 5 7.06 29.88 9.75
N LYS B 6 6.91 28.55 9.84
CA LYS B 6 5.73 27.87 10.38
C LYS B 6 4.49 28.07 9.52
N ASP B 7 4.61 28.91 8.48
CA ASP B 7 3.64 28.87 7.40
C ASP B 7 3.82 27.62 6.54
N SER B 8 5.05 27.10 6.50
CA SER B 8 5.30 25.79 5.90
C SER B 8 4.54 24.68 6.61
N ARG B 9 4.22 24.87 7.90
CA ARG B 9 3.55 23.83 8.67
C ARG B 9 2.14 23.56 8.15
N ARG B 10 1.32 24.61 8.00
CA ARG B 10 -0.05 24.38 7.57
C ARG B 10 -0.14 24.08 6.08
N ARG B 11 0.77 24.62 5.25
CA ARG B 11 0.77 24.31 3.83
C ARG B 11 1.16 22.85 3.60
N GLN B 12 2.17 22.36 4.32
CA GLN B 12 2.53 20.94 4.23
C GLN B 12 1.39 20.05 4.70
N ALA B 13 0.67 20.50 5.73
CA ALA B 13 -0.49 19.74 6.22
C ALA B 13 -1.56 19.66 5.14
N ARG B 14 -1.88 20.80 4.52
CA ARG B 14 -2.89 20.83 3.47
C ARG B 14 -2.43 20.01 2.26
N LEU B 15 -1.16 20.15 1.88
CA LEU B 15 -0.57 19.35 0.80
C LEU B 15 -0.81 17.86 1.02
N GLN B 16 -0.39 17.33 2.17
CA GLN B 16 -0.53 15.89 2.42
C GLN B 16 -2.00 15.47 2.42
N LYS B 17 -2.87 16.29 3.02
CA LYS B 17 -4.29 15.96 3.01
C LYS B 17 -4.83 15.95 1.58
N GLU B 18 -4.43 16.92 0.77
CA GLU B 18 -4.96 17.01 -0.59
C GLU B 18 -4.44 15.87 -1.47
N LEU B 19 -3.18 15.46 -1.27
CA LEU B 19 -2.65 14.35 -2.07
C LEU B 19 -3.32 13.04 -1.70
N ALA B 20 -3.53 12.82 -0.40
CA ALA B 20 -4.24 11.62 0.04
C ALA B 20 -5.67 11.59 -0.49
N GLU B 21 -6.35 12.75 -0.45
CA GLU B 21 -7.71 12.83 -0.93
C GLU B 21 -7.78 12.53 -2.43
N ALA B 22 -6.85 13.10 -3.20
CA ALA B 22 -6.84 12.86 -4.65
C ALA B 22 -6.53 11.40 -4.97
N ALA B 23 -5.63 10.78 -4.19
CA ALA B 23 -5.21 9.42 -4.49
C ALA B 23 -6.22 8.37 -4.05
N LYS B 24 -7.28 8.77 -3.36
CA LYS B 24 -8.29 7.83 -2.90
C LYS B 24 -8.96 7.12 -4.07
N GLU B 25 -9.01 5.79 -4.00
CA GLU B 25 -9.57 5.01 -5.09
C GLU B 25 -11.00 4.56 -4.78
N MET C 1 2.58 -18.84 3.33
CA MET C 1 1.53 -18.88 4.34
C MET C 1 0.63 -20.10 4.11
N ALA C 2 0.91 -21.19 4.84
CA ALA C 2 0.13 -22.41 4.68
C ALA C 2 -1.29 -22.22 5.20
N GLY C 3 -1.47 -21.47 6.29
CA GLY C 3 -2.81 -21.18 6.77
C GLY C 3 -3.53 -20.09 6.01
N GLN C 4 -2.83 -19.39 5.11
CA GLN C 4 -3.38 -18.31 4.30
C GLN C 4 -3.96 -17.20 5.19
N LEU C 5 -3.12 -16.75 6.11
CA LEU C 5 -3.53 -15.90 7.22
C LEU C 5 -3.45 -14.43 6.82
N LEU C 6 -4.43 -13.65 7.27
CA LEU C 6 -4.53 -12.23 6.95
C LEU C 6 -4.33 -11.31 8.15
N PHE C 7 -4.51 -11.80 9.37
CA PHE C 7 -4.63 -10.97 10.55
C PHE C 7 -4.36 -11.81 11.77
N ALA C 8 -3.65 -11.25 12.75
CA ALA C 8 -3.52 -11.86 14.06
C ALA C 8 -3.40 -10.76 15.11
N ASN C 9 -4.09 -10.95 16.24
CA ASN C 9 -4.06 -9.93 17.29
C ASN C 9 -4.49 -10.55 18.59
N PHE C 10 -4.11 -9.91 19.69
CA PHE C 10 -4.49 -10.33 21.03
C PHE C 10 -5.66 -9.48 21.50
N ASN C 11 -6.50 -10.04 22.36
CA ASN C 11 -7.59 -9.22 22.89
C ASN C 11 -7.04 -8.32 24.01
N GLN C 12 -7.94 -7.61 24.71
CA GLN C 12 -7.50 -6.46 25.50
C GLN C 12 -6.68 -6.87 26.71
N ASP C 13 -6.90 -8.06 27.26
CA ASP C 13 -6.16 -8.49 28.44
C ASP C 13 -5.32 -9.73 28.15
N ASN C 14 -5.03 -10.01 26.87
CA ASN C 14 -4.11 -11.07 26.45
C ASN C 14 -4.60 -12.46 26.87
N THR C 15 -5.90 -12.66 26.91
CA THR C 15 -6.46 -13.96 27.21
C THR C 15 -6.88 -14.74 25.96
N SER C 16 -6.87 -14.09 24.81
CA SER C 16 -7.37 -14.68 23.58
C SER C 16 -6.53 -14.17 22.42
N LEU C 17 -6.22 -15.06 21.48
CA LEU C 17 -5.54 -14.72 20.24
C LEU C 17 -6.50 -14.94 19.08
N ALA C 18 -6.68 -13.91 18.26
CA ALA C 18 -7.57 -14.00 17.10
C ALA C 18 -6.72 -14.05 15.83
N VAL C 19 -7.08 -14.95 14.92
CA VAL C 19 -6.38 -15.15 13.66
C VAL C 19 -7.42 -15.14 12.54
N GLY C 20 -7.32 -14.21 11.61
CA GLY C 20 -8.22 -14.15 10.47
C GLY C 20 -7.52 -14.75 9.25
N SER C 21 -8.30 -15.42 8.40
CA SER C 21 -7.74 -16.13 7.25
C SER C 21 -8.70 -16.05 6.08
N LYS C 22 -8.32 -16.69 4.97
CA LYS C 22 -9.21 -16.70 3.81
C LYS C 22 -10.48 -17.49 4.05
N SER C 23 -10.47 -18.45 4.98
CA SER C 23 -11.67 -19.24 5.20
C SER C 23 -12.53 -18.74 6.35
N GLY C 24 -12.04 -17.79 7.14
CA GLY C 24 -12.81 -17.30 8.27
C GLY C 24 -11.87 -16.77 9.36
N TYR C 25 -12.21 -17.07 10.61
CA TYR C 25 -11.30 -16.72 11.68
C TYR C 25 -11.44 -17.73 12.80
N LYS C 26 -10.46 -17.70 13.70
CA LYS C 26 -10.40 -18.57 14.85
C LYS C 26 -10.00 -17.76 16.07
N PHE C 27 -10.39 -18.24 17.23
CA PHE C 27 -9.89 -17.77 18.51
C PHE C 27 -9.06 -18.87 19.15
N PHE C 28 -7.93 -18.52 19.73
CA PHE C 28 -7.12 -19.45 20.50
C PHE C 28 -7.02 -18.97 21.94
N SER C 29 -7.14 -19.91 22.87
CA SER C 29 -6.91 -19.58 24.27
C SER C 29 -5.41 -19.41 24.54
N LEU C 30 -5.09 -18.61 25.56
CA LEU C 30 -3.71 -18.36 25.97
C LEU C 30 -3.55 -18.69 27.44
N SER C 31 -4.15 -19.80 27.88
CA SER C 31 -4.12 -20.17 29.28
C SER C 31 -3.07 -21.23 29.57
N SER C 32 -2.45 -21.80 28.54
CA SER C 32 -1.28 -22.65 28.72
C SER C 32 -0.33 -22.45 27.55
N VAL C 33 0.88 -22.99 27.69
CA VAL C 33 1.92 -22.80 26.69
C VAL C 33 2.23 -24.07 25.91
N ASP C 34 1.66 -25.21 26.31
CA ASP C 34 2.05 -26.47 25.69
C ASP C 34 1.44 -26.63 24.30
N LYS C 35 0.24 -26.13 24.10
CA LYS C 35 -0.43 -26.19 22.80
C LYS C 35 -1.14 -24.87 22.57
N LEU C 36 -1.40 -24.57 21.30
CA LEU C 36 -2.27 -23.45 20.94
C LEU C 36 -3.67 -24.03 20.80
N GLU C 37 -4.52 -23.81 21.79
CA GLU C 37 -5.83 -24.47 21.87
C GLU C 37 -6.90 -23.63 21.18
N GLN C 38 -7.50 -24.19 20.12
CA GLN C 38 -8.58 -23.49 19.44
C GLN C 38 -9.85 -23.53 20.30
N ILE C 39 -10.45 -22.37 20.53
CA ILE C 39 -11.71 -22.31 21.27
C ILE C 39 -12.90 -21.94 20.40
N TYR C 40 -12.67 -21.46 19.17
CA TYR C 40 -13.75 -21.13 18.28
C TYR C 40 -13.23 -21.04 16.85
N GLU C 41 -14.04 -21.47 15.89
CA GLU C 41 -13.77 -21.25 14.47
C GLU C 41 -15.06 -20.88 13.76
N CYS C 42 -14.98 -19.87 12.90
CA CYS C 42 -16.11 -19.46 12.08
C CYS C 42 -15.73 -19.55 10.62
N THR C 43 -16.64 -20.08 9.80
CA THR C 43 -16.40 -20.16 8.36
C THR C 43 -17.49 -19.48 7.54
N ASP C 44 -18.36 -18.68 8.18
CA ASP C 44 -19.46 -18.05 7.44
C ASP C 44 -19.07 -16.73 6.79
N THR C 45 -17.91 -16.19 7.14
CA THR C 45 -17.41 -14.95 6.54
C THR C 45 -16.02 -15.23 6.03
N GLU C 46 -15.79 -14.98 4.75
CA GLU C 46 -14.50 -15.26 4.13
C GLU C 46 -13.60 -14.05 4.20
N ASP C 47 -12.29 -14.31 4.07
CA ASP C 47 -11.24 -13.29 3.94
C ASP C 47 -11.31 -12.25 5.06
N VAL C 48 -11.20 -12.74 6.29
CA VAL C 48 -11.38 -11.88 7.46
C VAL C 48 -10.07 -11.14 7.75
N CYS C 49 -10.06 -9.82 7.56
CA CYS C 49 -8.86 -9.02 7.72
C CYS C 49 -8.79 -8.26 9.04
N ILE C 50 -9.89 -8.11 9.77
CA ILE C 50 -9.90 -7.54 11.11
C ILE C 50 -10.83 -8.37 12.00
N VAL C 51 -10.34 -8.74 13.19
CA VAL C 51 -11.11 -9.46 14.22
C VAL C 51 -10.79 -8.80 15.54
N GLU C 52 -11.77 -8.15 16.15
CA GLU C 52 -11.52 -7.49 17.42
C GLU C 52 -12.55 -7.97 18.42
N ARG C 53 -12.11 -8.73 19.41
CA ARG C 53 -12.97 -9.22 20.46
C ARG C 53 -13.11 -8.17 21.56
N LEU C 54 -14.26 -8.17 22.24
CA LEU C 54 -14.43 -7.36 23.45
C LEU C 54 -14.11 -8.25 24.65
N PHE C 55 -12.89 -8.14 25.17
CA PHE C 55 -12.37 -8.92 26.31
C PHE C 55 -12.69 -10.40 26.08
N SER C 56 -13.28 -11.11 27.03
CA SER C 56 -13.64 -12.51 26.85
C SER C 56 -15.15 -12.69 26.69
N SER C 57 -15.85 -11.66 26.23
CA SER C 57 -17.28 -11.70 25.99
C SER C 57 -17.58 -12.39 24.66
N SER C 58 -18.84 -12.37 24.26
CA SER C 58 -19.24 -12.94 22.97
C SER C 58 -19.29 -11.93 21.85
N LEU C 59 -18.97 -10.67 22.13
CA LEU C 59 -19.05 -9.63 21.11
C LEU C 59 -17.76 -9.58 20.33
N VAL C 60 -17.86 -9.59 19.02
CA VAL C 60 -16.70 -9.48 18.14
C VAL C 60 -17.03 -8.57 16.97
N ALA C 61 -16.06 -7.77 16.56
CA ALA C 61 -16.19 -6.92 15.39
C ALA C 61 -15.31 -7.49 14.29
N ILE C 62 -15.89 -7.70 13.10
CA ILE C 62 -15.13 -8.33 12.03
C ILE C 62 -15.27 -7.50 10.74
N VAL C 63 -14.20 -7.45 9.96
CA VAL C 63 -14.20 -6.85 8.62
C VAL C 63 -13.68 -7.90 7.65
N SER C 64 -14.30 -7.99 6.47
CA SER C 64 -13.86 -8.91 5.43
C SER C 64 -13.31 -8.14 4.25
N LEU C 65 -12.30 -8.72 3.58
CA LEU C 65 -11.80 -8.12 2.35
C LEU C 65 -12.83 -8.14 1.23
N LYS C 66 -13.86 -8.96 1.34
CA LYS C 66 -14.93 -8.91 0.34
C LYS C 66 -15.70 -7.60 0.41
N ALA C 67 -15.72 -6.95 1.57
CA ALA C 67 -16.37 -5.64 1.73
C ALA C 67 -15.59 -4.84 2.74
N PRO C 68 -14.44 -4.29 2.33
CA PRO C 68 -13.49 -3.74 3.32
C PRO C 68 -13.93 -2.42 3.95
N ARG C 69 -15.05 -1.85 3.53
CA ARG C 69 -15.58 -0.66 4.17
C ARG C 69 -16.68 -0.96 5.17
N LYS C 70 -16.98 -2.24 5.40
CA LYS C 70 -18.15 -2.65 6.18
C LYS C 70 -17.75 -3.34 7.48
N LEU C 71 -18.30 -2.85 8.58
CA LEU C 71 -18.09 -3.43 9.89
C LEU C 71 -19.29 -4.28 10.27
N LYS C 72 -19.04 -5.51 10.70
CA LYS C 72 -20.05 -6.39 11.26
C LYS C 72 -19.77 -6.56 12.73
N VAL C 73 -20.77 -6.32 13.58
CA VAL C 73 -20.68 -6.59 15.01
C VAL C 73 -21.51 -7.85 15.26
N CYS C 74 -20.89 -8.87 15.85
CA CYS C 74 -21.48 -10.20 15.93
C CYS C 74 -21.47 -10.75 17.35
N HIS C 75 -22.37 -11.70 17.59
CA HIS C 75 -22.35 -12.57 18.76
C HIS C 75 -21.76 -13.89 18.29
N PHE C 76 -20.48 -14.15 18.59
CA PHE C 76 -19.81 -15.22 17.84
C PHE C 76 -20.31 -16.59 18.28
N LYS C 77 -20.72 -16.75 19.54
CA LYS C 77 -21.21 -18.06 19.97
C LYS C 77 -22.53 -18.41 19.32
N LYS C 78 -23.47 -17.46 19.27
CA LYS C 78 -24.71 -17.68 18.54
C LYS C 78 -24.50 -17.64 17.03
N GLY C 79 -23.39 -17.09 16.56
CA GLY C 79 -23.15 -17.01 15.13
C GLY C 79 -24.01 -16.00 14.41
N THR C 80 -24.44 -14.94 15.11
CA THR C 80 -25.37 -13.97 14.57
C THR C 80 -24.67 -12.63 14.37
N GLU C 81 -25.04 -11.91 13.31
CA GLU C 81 -24.63 -10.52 13.17
C GLU C 81 -25.62 -9.65 13.95
N ILE C 82 -25.10 -8.87 14.89
CA ILE C 82 -25.97 -8.01 15.67
C ILE C 82 -26.32 -6.76 14.90
N CYS C 83 -25.32 -6.09 14.35
CA CYS C 83 -25.54 -4.91 13.53
C CYS C 83 -24.31 -4.71 12.65
N ASN C 84 -24.39 -3.74 11.76
CA ASN C 84 -23.31 -3.43 10.85
C ASN C 84 -23.24 -1.93 10.64
N TYR C 85 -22.15 -1.50 10.01
CA TYR C 85 -22.00 -0.08 9.68
C TYR C 85 -21.05 -0.02 8.49
N SER C 86 -21.37 0.82 7.50
CA SER C 86 -20.54 0.93 6.31
C SER C 86 -19.98 2.35 6.23
N TYR C 87 -18.72 2.46 5.84
CA TYR C 87 -18.00 3.72 5.88
C TYR C 87 -17.56 4.16 4.49
N SER C 88 -17.15 5.43 4.43
CA SER C 88 -16.78 6.07 3.17
C SER C 88 -15.42 5.65 2.64
N ASN C 89 -14.61 4.94 3.44
CA ASN C 89 -13.32 4.47 2.99
C ASN C 89 -13.00 3.16 3.68
N THR C 90 -11.85 2.58 3.32
CA THR C 90 -11.44 1.30 3.87
C THR C 90 -11.27 1.41 5.38
N ILE C 91 -11.77 0.41 6.10
CA ILE C 91 -11.58 0.35 7.55
C ILE C 91 -10.15 -0.06 7.79
N LEU C 92 -9.38 0.78 8.47
CA LEU C 92 -7.97 0.49 8.70
C LEU C 92 -7.69 -0.10 10.07
N ALA C 93 -8.52 0.23 11.05
CA ALA C 93 -8.35 -0.27 12.40
C ALA C 93 -9.69 -0.21 13.11
N VAL C 94 -9.90 -1.15 14.02
CA VAL C 94 -11.06 -1.17 14.89
C VAL C 94 -10.54 -1.40 16.30
N LYS C 95 -10.93 -0.53 17.23
CA LYS C 95 -10.56 -0.64 18.62
C LYS C 95 -11.81 -0.61 19.48
N LEU C 96 -11.84 -1.38 20.56
CA LEU C 96 -13.03 -1.31 21.41
C LEU C 96 -12.67 -1.52 22.87
N ASN C 97 -13.54 -0.98 23.73
CA ASN C 97 -13.51 -1.26 25.16
C ASN C 97 -14.96 -1.39 25.60
N ARG C 98 -15.20 -1.43 26.92
CA ARG C 98 -16.55 -1.76 27.34
C ARG C 98 -17.55 -0.62 27.12
N GLN C 99 -17.10 0.57 26.73
CA GLN C 99 -18.00 1.69 26.47
C GLN C 99 -17.99 2.22 25.04
N ARG C 100 -16.90 2.02 24.30
CA ARG C 100 -16.74 2.67 23.00
C ARG C 100 -16.17 1.70 21.98
N LEU C 101 -16.55 1.91 20.72
CA LEU C 101 -15.94 1.24 19.59
C LEU C 101 -15.46 2.33 18.64
N ILE C 102 -14.21 2.25 18.22
CA ILE C 102 -13.60 3.27 17.36
C ILE C 102 -13.27 2.62 16.02
N VAL C 103 -13.65 3.28 14.92
CA VAL C 103 -13.28 2.86 13.57
C VAL C 103 -12.35 3.93 13.02
N CYS C 104 -11.18 3.51 12.55
CA CYS C 104 -10.18 4.41 11.99
C CYS C 104 -10.17 4.27 10.49
N LEU C 105 -10.46 5.36 9.79
CA LEU C 105 -10.23 5.49 8.36
C LEU C 105 -8.99 6.34 8.14
N GLU C 106 -8.57 6.44 6.87
CA GLU C 106 -7.37 7.22 6.57
C GLU C 106 -7.56 8.69 6.97
N GLU C 107 -8.77 9.21 6.80
CA GLU C 107 -9.01 10.64 6.95
C GLU C 107 -9.98 10.98 8.08
N SER C 108 -10.47 10.00 8.83
CA SER C 108 -11.39 10.31 9.92
C SER C 108 -11.46 9.14 10.90
N LEU C 109 -11.94 9.44 12.08
CA LEU C 109 -12.15 8.44 13.13
C LEU C 109 -13.59 8.51 13.59
N TYR C 110 -14.25 7.35 13.66
CA TYR C 110 -15.64 7.26 14.11
C TYR C 110 -15.66 6.67 15.51
N ILE C 111 -16.36 7.35 16.40
CA ILE C 111 -16.48 6.94 17.80
C ILE C 111 -17.94 6.51 18.03
N HIS C 112 -18.15 5.21 18.26
CA HIS C 112 -19.47 4.64 18.49
C HIS C 112 -19.67 4.33 19.97
N ASN C 113 -20.90 4.50 20.42
CA ASN C 113 -21.32 3.99 21.73
C ASN C 113 -21.51 2.48 21.62
N ILE C 114 -20.78 1.69 22.41
CA ILE C 114 -20.90 0.26 22.20
C ILE C 114 -22.22 -0.28 22.77
N ARG C 115 -22.98 0.56 23.47
CA ARG C 115 -24.28 0.14 24.00
C ARG C 115 -25.34 0.05 22.92
N ASP C 116 -25.26 0.92 21.92
CA ASP C 116 -26.25 0.93 20.85
C ASP C 116 -25.63 1.10 19.46
N MET C 117 -24.30 1.18 19.37
CA MET C 117 -23.54 1.35 18.13
C MET C 117 -23.85 2.65 17.39
N LYS C 118 -24.49 3.61 18.06
CA LYS C 118 -24.69 4.93 17.50
C LYS C 118 -23.36 5.68 17.43
N VAL C 119 -23.15 6.42 16.34
CA VAL C 119 -21.99 7.33 16.25
C VAL C 119 -22.22 8.51 17.20
N LEU C 120 -21.32 8.66 18.16
CA LEU C 120 -21.37 9.79 19.09
C LEU C 120 -20.56 10.99 18.61
N HIS C 121 -19.49 10.74 17.85
CA HIS C 121 -18.59 11.81 17.43
C HIS C 121 -17.77 11.30 16.26
N THR C 122 -17.47 12.20 15.32
CA THR C 122 -16.62 11.89 14.18
C THR C 122 -15.49 12.90 14.19
N ILE C 123 -14.26 12.42 14.21
CA ILE C 123 -13.10 13.29 14.05
C ILE C 123 -12.82 13.35 12.55
N ARG C 124 -13.02 14.53 11.96
CA ARG C 124 -12.96 14.75 10.53
C ARG C 124 -11.67 15.46 10.13
N GLU C 125 -11.30 15.28 8.87
CA GLU C 125 -10.15 15.98 8.29
C GLU C 125 -8.88 15.74 9.09
N THR C 126 -8.65 14.48 9.52
CA THR C 126 -7.40 14.20 10.21
C THR C 126 -6.23 14.26 9.22
N PRO C 127 -5.02 14.52 9.71
CA PRO C 127 -3.83 14.23 8.90
C PRO C 127 -3.90 12.81 8.39
N PRO C 128 -3.55 12.57 7.13
CA PRO C 128 -3.75 11.24 6.54
C PRO C 128 -3.05 10.17 7.36
N ASN C 129 -3.77 9.09 7.63
CA ASN C 129 -3.30 8.04 8.53
C ASN C 129 -3.45 6.71 7.83
N PRO C 130 -2.66 6.46 6.77
CA PRO C 130 -2.85 5.22 5.99
C PRO C 130 -2.54 3.95 6.77
N ALA C 131 -1.71 4.02 7.81
CA ALA C 131 -1.45 2.83 8.62
C ALA C 131 -2.54 2.53 9.63
N GLY C 132 -3.50 3.43 9.81
CA GLY C 132 -4.51 3.22 10.83
C GLY C 132 -3.94 3.28 12.23
N LEU C 133 -2.88 4.06 12.43
CA LEU C 133 -2.22 4.12 13.73
C LEU C 133 -3.12 4.82 14.74
N CYS C 134 -3.50 4.12 15.80
CA CYS C 134 -4.26 4.75 16.87
C CYS C 134 -4.24 3.82 18.09
N ALA C 135 -4.67 4.35 19.22
CA ALA C 135 -4.69 3.55 20.42
C ALA C 135 -5.89 3.98 21.24
N LEU C 136 -6.50 3.02 21.92
CA LEU C 136 -7.70 3.27 22.72
C LEU C 136 -7.49 2.62 24.08
N SER C 137 -7.70 3.39 25.15
CA SER C 137 -7.59 2.86 26.49
C SER C 137 -8.61 1.76 26.73
N ILE C 138 -8.22 0.74 27.52
CA ILE C 138 -9.15 -0.32 27.88
C ILE C 138 -9.83 -0.04 29.21
N ASN C 139 -9.54 1.09 29.83
CA ASN C 139 -10.02 1.44 31.16
C ASN C 139 -11.19 2.40 31.06
N ASN C 140 -12.27 2.12 31.82
CA ASN C 140 -13.50 2.90 31.72
C ASN C 140 -13.37 4.29 32.33
N ASP C 141 -12.51 4.47 33.33
CA ASP C 141 -12.37 5.77 33.99
C ASP C 141 -11.41 6.70 33.25
N ASN C 142 -10.45 6.16 32.50
CA ASN C 142 -9.54 6.95 31.65
C ASN C 142 -9.74 6.47 30.21
N CYS C 143 -10.82 6.93 29.59
CA CYS C 143 -11.28 6.36 28.32
C CYS C 143 -10.80 7.22 27.15
N TYR C 144 -9.50 7.19 26.90
CA TYR C 144 -8.88 8.08 25.94
C TYR C 144 -8.55 7.38 24.63
N LEU C 145 -8.65 8.15 23.54
CA LEU C 145 -8.18 7.76 22.22
C LEU C 145 -6.96 8.59 21.87
N ALA C 146 -5.93 7.96 21.32
CA ALA C 146 -4.75 8.65 20.84
C ALA C 146 -4.58 8.39 19.34
N TYR C 147 -4.20 9.43 18.59
CA TYR C 147 -3.99 9.29 17.15
C TYR C 147 -3.04 10.41 16.70
N PRO C 148 -2.46 10.30 15.50
CA PRO C 148 -1.45 11.30 15.07
C PRO C 148 -2.10 12.64 14.74
N GLY C 149 -1.62 13.70 15.39
CA GLY C 149 -2.12 15.05 15.14
C GLY C 149 -1.46 15.77 14.00
N SER C 150 -0.41 15.18 13.42
CA SER C 150 0.30 15.77 12.31
C SER C 150 0.81 14.65 11.43
N ALA C 151 0.89 14.91 10.13
CA ALA C 151 1.49 13.95 9.24
C ALA C 151 2.98 14.18 9.06
N THR C 152 3.53 15.27 9.59
CA THR C 152 4.96 15.56 9.44
C THR C 152 5.73 15.64 10.75
N ILE C 153 5.08 15.91 11.89
CA ILE C 153 5.70 15.95 13.20
C ILE C 153 5.05 14.87 14.06
N GLY C 154 5.79 14.37 15.03
CA GLY C 154 5.26 13.32 15.88
C GLY C 154 4.40 13.85 17.01
N GLU C 155 3.31 14.55 16.67
CA GLU C 155 2.41 15.09 17.66
C GLU C 155 1.28 14.10 17.89
N VAL C 156 0.92 13.90 19.17
CA VAL C 156 -0.16 12.99 19.55
C VAL C 156 -1.37 13.81 20.00
N GLN C 157 -2.51 13.58 19.34
CA GLN C 157 -3.77 14.08 19.82
C GLN C 157 -4.36 13.07 20.80
N VAL C 158 -4.78 13.55 21.96
CA VAL C 158 -5.43 12.73 22.99
C VAL C 158 -6.87 13.21 23.10
N PHE C 159 -7.81 12.29 22.93
CA PHE C 159 -9.22 12.64 22.84
C PHE C 159 -10.00 11.84 23.87
N ASP C 160 -10.78 12.55 24.69
CA ASP C 160 -11.63 11.94 25.71
C ASP C 160 -12.90 11.43 25.05
N THR C 161 -13.06 10.10 24.97
CA THR C 161 -14.20 9.54 24.25
C THR C 161 -15.48 9.51 25.07
N ILE C 162 -15.44 9.86 26.34
CA ILE C 162 -16.66 10.00 27.15
C ILE C 162 -17.18 11.43 27.10
N ASN C 163 -16.33 12.41 27.40
CA ASN C 163 -16.76 13.80 27.33
C ASN C 163 -16.68 14.37 25.93
N LEU C 164 -16.16 13.60 24.98
CA LEU C 164 -16.15 13.96 23.56
C LEU C 164 -15.45 15.29 23.33
N ARG C 165 -14.29 15.48 23.97
CA ARG C 165 -13.51 16.67 23.72
C ARG C 165 -12.03 16.32 23.71
N ALA C 166 -11.25 17.11 22.98
CA ALA C 166 -9.82 16.98 23.02
C ALA C 166 -9.34 17.25 24.44
N ALA C 167 -8.36 16.48 24.90
CA ALA C 167 -7.86 16.67 26.25
C ALA C 167 -6.51 17.37 26.29
N ASN C 168 -5.68 17.15 25.29
CA ASN C 168 -4.33 17.70 25.28
C ASN C 168 -3.68 17.32 23.96
N MET C 169 -2.54 17.93 23.70
CA MET C 169 -1.68 17.57 22.58
C MET C 169 -0.28 17.33 23.13
N ILE C 170 0.30 16.18 22.80
CA ILE C 170 1.62 15.82 23.31
C ILE C 170 2.60 15.93 22.16
N PRO C 171 3.60 16.83 22.24
CA PRO C 171 4.65 16.83 21.23
C PRO C 171 5.63 15.69 21.49
N ALA C 172 5.33 14.50 20.99
CA ALA C 172 6.02 13.32 21.46
C ALA C 172 7.37 13.16 20.80
N HIS C 173 7.44 13.37 19.48
CA HIS C 173 8.65 13.14 18.70
C HIS C 173 8.74 14.19 17.60
N ASP C 174 9.97 14.38 17.09
CA ASP C 174 10.16 15.28 15.95
C ASP C 174 9.69 14.66 14.64
N SER C 175 9.95 13.36 14.43
CA SER C 175 9.56 12.61 13.26
C SER C 175 8.14 12.05 13.44
N PRO C 176 7.47 11.67 12.34
CA PRO C 176 6.10 11.15 12.46
C PRO C 176 6.03 9.93 13.37
N LEU C 177 4.86 9.73 13.97
CA LEU C 177 4.64 8.60 14.86
C LEU C 177 4.68 7.27 14.11
N ALA C 178 5.17 6.24 14.79
CA ALA C 178 5.16 4.88 14.28
C ALA C 178 4.32 3.93 15.12
N ALA C 179 4.18 4.19 16.43
CA ALA C 179 3.46 3.25 17.28
C ALA C 179 2.98 3.97 18.54
N LEU C 180 1.86 3.47 19.09
CA LEU C 180 1.20 4.03 20.25
C LEU C 180 0.61 2.90 21.07
N ALA C 181 0.68 2.99 22.40
CA ALA C 181 0.02 2.02 23.26
C ALA C 181 -0.29 2.66 24.61
N PHE C 182 -1.51 2.47 25.10
CA PHE C 182 -1.88 2.82 26.47
C PHE C 182 -1.57 1.65 27.38
N ASP C 183 -1.18 1.94 28.62
CA ASP C 183 -1.17 0.88 29.62
C ASP C 183 -2.58 0.58 30.09
N ALA C 184 -2.72 -0.49 30.87
CA ALA C 184 -4.03 -1.01 31.24
C ALA C 184 -4.83 -0.01 32.06
N SER C 185 -4.16 0.86 32.80
CA SER C 185 -4.85 1.88 33.60
C SER C 185 -5.37 3.03 32.77
N GLY C 186 -4.85 3.24 31.56
CA GLY C 186 -5.21 4.41 30.79
C GLY C 186 -4.56 5.70 31.23
N THR C 187 -3.56 5.65 32.12
CA THR C 187 -2.92 6.84 32.63
C THR C 187 -1.51 7.03 32.07
N LYS C 188 -1.04 6.12 31.23
CA LYS C 188 0.27 6.19 30.59
C LYS C 188 0.12 5.86 29.11
N LEU C 189 0.87 6.57 28.28
CA LEU C 189 0.89 6.33 26.83
C LEU C 189 2.34 6.19 26.39
N ALA C 190 2.65 5.07 25.74
CA ALA C 190 3.96 4.85 25.13
C ALA C 190 3.92 5.21 23.65
N THR C 191 5.01 5.81 23.16
CA THR C 191 5.06 6.33 21.80
C THR C 191 6.42 6.03 21.17
N ALA C 192 6.42 5.88 19.85
CA ALA C 192 7.63 5.77 19.05
C ALA C 192 7.46 6.50 17.72
N SER C 193 8.55 7.04 17.20
CA SER C 193 8.51 7.70 15.90
C SER C 193 9.07 6.80 14.82
N GLU C 194 8.97 7.26 13.56
CA GLU C 194 9.53 6.52 12.44
C GLU C 194 11.04 6.34 12.55
N LYS C 195 11.74 7.17 13.32
CA LYS C 195 13.18 6.94 13.56
C LYS C 195 13.41 5.73 14.45
N GLY C 196 12.54 5.50 15.44
CA GLY C 196 12.63 4.29 16.22
C GLY C 196 13.78 4.24 17.21
N THR C 197 14.37 5.38 17.54
CA THR C 197 15.55 5.37 18.40
C THR C 197 15.22 5.56 19.87
N VAL C 198 14.07 6.17 20.18
CA VAL C 198 13.66 6.51 21.54
C VAL C 198 12.18 6.14 21.70
N ILE C 199 11.87 5.39 22.75
CA ILE C 199 10.49 5.13 23.14
C ILE C 199 10.19 6.03 24.33
N ARG C 200 9.11 6.79 24.25
CA ARG C 200 8.74 7.69 25.33
C ARG C 200 7.43 7.24 25.97
N VAL C 201 7.28 7.56 27.25
CA VAL C 201 6.05 7.29 27.99
C VAL C 201 5.61 8.60 28.62
N PHE C 202 4.34 8.96 28.39
CA PHE C 202 3.75 10.20 28.89
C PHE C 202 2.59 9.88 29.83
N SER C 203 2.41 10.74 30.83
CA SER C 203 1.20 10.65 31.64
C SER C 203 -0.01 11.10 30.82
N ILE C 204 -1.18 10.59 31.20
CA ILE C 204 -2.43 10.85 30.49
C ILE C 204 -3.47 11.21 31.55
N PRO C 205 -4.18 12.34 31.43
CA PRO C 205 -4.19 13.27 30.28
C PRO C 205 -3.17 14.40 30.32
N GLU C 206 -2.35 14.46 31.38
CA GLU C 206 -1.49 15.63 31.59
C GLU C 206 -0.40 15.76 30.54
N GLY C 207 0.08 14.64 29.99
CA GLY C 207 1.07 14.74 28.94
C GLY C 207 2.49 14.98 29.41
N GLN C 208 2.80 14.71 30.68
CA GLN C 208 4.16 14.86 31.18
C GLN C 208 5.01 13.68 30.77
N LYS C 209 6.23 13.95 30.29
CA LYS C 209 7.13 12.86 29.94
C LYS C 209 7.60 12.18 31.21
N LEU C 210 7.30 10.88 31.33
CA LEU C 210 7.64 10.10 32.51
C LEU C 210 8.85 9.21 32.28
N PHE C 211 9.00 8.66 31.08
CA PHE C 211 10.09 7.74 30.78
C PHE C 211 10.59 8.01 29.37
N GLU C 212 11.88 7.75 29.18
CA GLU C 212 12.51 7.82 27.87
C GLU C 212 13.47 6.64 27.78
N PHE C 213 13.22 5.73 26.83
CA PHE C 213 13.97 4.49 26.71
C PHE C 213 14.74 4.48 25.39
N ARG C 214 16.01 4.10 25.44
CA ARG C 214 16.87 4.10 24.26
C ARG C 214 16.95 2.69 23.70
N ARG C 215 16.72 2.57 22.40
CA ARG C 215 16.74 1.29 21.68
C ARG C 215 18.16 0.98 21.26
N GLY C 216 18.62 1.66 20.21
CA GLY C 216 20.04 1.71 19.88
C GLY C 216 20.28 3.04 19.19
N VAL C 217 21.46 3.60 19.43
CA VAL C 217 21.80 4.90 18.85
C VAL C 217 22.16 4.76 17.37
N LYS C 218 21.81 5.81 16.60
CA LYS C 218 22.10 5.92 15.18
C LYS C 218 21.30 4.92 14.34
N ARG C 219 21.41 3.62 14.66
CA ARG C 219 20.68 2.58 13.94
C ARG C 219 19.17 2.82 14.03
N CYS C 220 18.54 3.16 12.90
CA CYS C 220 17.11 3.40 12.84
C CYS C 220 16.37 2.12 12.47
N VAL C 221 15.18 1.95 13.06
CA VAL C 221 14.34 0.79 12.80
C VAL C 221 12.89 1.24 12.66
N SER C 222 12.05 0.35 12.13
CA SER C 222 10.62 0.62 12.00
C SER C 222 9.86 -0.13 13.10
N ILE C 223 9.56 0.59 14.19
CA ILE C 223 8.84 -0.03 15.30
C ILE C 223 7.39 -0.29 14.92
N CYS C 224 6.95 -1.54 15.09
CA CYS C 224 5.58 -1.87 14.69
C CYS C 224 4.66 -2.26 15.85
N SER C 225 5.18 -2.42 17.07
CA SER C 225 4.35 -2.88 18.17
C SER C 225 4.95 -2.43 19.50
N LEU C 226 4.13 -1.78 20.30
CA LEU C 226 4.42 -1.45 21.69
C LEU C 226 3.36 -2.13 22.53
N ALA C 227 3.77 -2.65 23.69
CA ALA C 227 2.82 -3.38 24.52
C ALA C 227 3.25 -3.26 25.97
N PHE C 228 2.30 -2.93 26.84
CA PHE C 228 2.52 -2.96 28.28
C PHE C 228 2.11 -4.30 28.88
N SER C 229 2.81 -4.69 29.93
CA SER C 229 2.26 -5.75 30.77
C SER C 229 1.04 -5.21 31.51
N MET C 230 0.17 -6.11 31.95
CA MET C 230 -1.07 -5.68 32.58
C MET C 230 -0.81 -4.83 33.83
N ASP C 231 0.30 -5.08 34.54
CA ASP C 231 0.62 -4.27 35.72
C ASP C 231 1.32 -2.98 35.37
N GLY C 232 1.65 -2.75 34.10
CA GLY C 232 2.27 -1.50 33.70
C GLY C 232 3.74 -1.39 34.02
N MET C 233 4.35 -2.43 34.56
CA MET C 233 5.76 -2.35 34.94
C MET C 233 6.72 -2.61 33.78
N PHE C 234 6.27 -3.25 32.70
CA PHE C 234 7.12 -3.63 31.59
C PHE C 234 6.50 -3.14 30.29
N LEU C 235 7.37 -2.79 29.34
CA LEU C 235 6.96 -2.28 28.04
C LEU C 235 7.83 -2.90 26.97
N SER C 236 7.21 -3.58 25.99
CA SER C 236 7.97 -4.20 24.91
C SER C 236 7.85 -3.36 23.64
N ALA C 237 8.91 -3.39 22.84
CA ALA C 237 8.97 -2.71 21.55
C ALA C 237 9.59 -3.65 20.53
N SER C 238 8.86 -3.99 19.48
CA SER C 238 9.36 -4.84 18.42
C SER C 238 9.35 -4.05 17.11
N SER C 239 10.05 -4.58 16.11
CA SER C 239 10.27 -3.81 14.89
C SER C 239 10.45 -4.78 13.73
N ASN C 240 10.98 -4.27 12.62
CA ASN C 240 11.37 -5.10 11.49
C ASN C 240 12.73 -5.78 11.66
N THR C 241 13.34 -5.72 12.84
CA THR C 241 14.59 -6.39 13.07
C THR C 241 14.34 -7.64 13.90
N GLU C 242 15.41 -8.36 14.21
CA GLU C 242 15.28 -9.60 14.98
C GLU C 242 15.24 -9.36 16.48
N THR C 243 15.35 -8.11 16.95
CA THR C 243 15.45 -7.85 18.37
C THR C 243 14.16 -7.21 18.89
N VAL C 244 13.64 -7.78 19.98
CA VAL C 244 12.58 -7.15 20.76
C VAL C 244 13.21 -6.67 22.06
N HIS C 245 12.97 -5.42 22.40
CA HIS C 245 13.46 -4.82 23.63
C HIS C 245 12.34 -4.80 24.65
N ILE C 246 12.65 -5.10 25.89
CA ILE C 246 11.70 -5.01 26.99
C ILE C 246 12.27 -4.06 28.01
N PHE C 247 11.53 -2.99 28.29
CA PHE C 247 11.96 -1.96 29.22
C PHE C 247 11.18 -2.12 30.51
N LYS C 248 11.82 -1.76 31.62
CA LYS C 248 11.20 -1.82 32.93
C LYS C 248 10.98 -0.41 33.45
N LEU C 249 9.76 -0.11 33.87
CA LEU C 249 9.37 1.23 34.31
C LEU C 249 9.70 1.38 35.80
N GLU C 250 10.97 1.62 36.07
CA GLU C 250 11.48 1.78 37.43
C GLU C 250 11.40 3.24 37.85
N THR C 251 11.09 3.47 39.12
CA THR C 251 11.03 4.84 39.64
C THR C 251 12.42 5.44 39.75
N ASN C 258 13.16 7.74 34.88
CA ASN C 258 12.99 8.58 33.71
C ASN C 258 13.74 7.96 32.51
N GLN C 259 15.05 7.78 32.64
CA GLN C 259 15.92 7.35 31.54
C GLN C 259 16.35 5.90 31.73
N GLY C 260 16.64 5.21 30.62
CA GLY C 260 17.15 3.87 30.73
C GLY C 260 17.25 3.15 29.39
N ARG C 261 17.73 1.92 29.47
CA ARG C 261 18.00 1.00 28.38
C ARG C 261 17.18 -0.26 28.62
N ALA C 262 17.23 -1.20 27.67
CA ALA C 262 16.40 -2.39 27.76
C ALA C 262 16.73 -3.21 29.00
N PHE C 263 15.69 -3.64 29.70
CA PHE C 263 15.83 -4.52 30.84
C PHE C 263 16.00 -5.97 30.40
N ALA C 264 15.36 -6.35 29.30
CA ALA C 264 15.49 -7.67 28.75
C ALA C 264 15.36 -7.57 27.24
N THR C 265 15.89 -8.58 26.54
CA THR C 265 15.77 -8.62 25.09
C THR C 265 15.46 -10.05 24.66
N VAL C 266 14.83 -10.18 23.50
CA VAL C 266 14.67 -11.48 22.86
C VAL C 266 15.11 -11.34 21.41
N ARG C 267 15.61 -12.44 20.88
CA ARG C 267 16.07 -12.54 19.50
C ARG C 267 15.05 -13.38 18.72
N LEU C 268 14.38 -12.74 17.74
CA LEU C 268 13.42 -13.50 16.93
C LEU C 268 14.15 -14.32 15.89
N PRO C 269 13.67 -15.52 15.56
CA PRO C 269 14.31 -16.32 14.51
C PRO C 269 13.85 -15.98 13.11
N PHE C 270 12.95 -15.02 12.98
CA PHE C 270 12.43 -14.56 11.69
C PHE C 270 12.28 -13.06 11.82
N CYS C 271 12.90 -12.30 10.92
CA CYS C 271 12.77 -10.85 10.97
C CYS C 271 12.55 -10.30 9.59
N GLY C 272 12.33 -8.99 9.53
CA GLY C 272 12.17 -8.31 8.27
C GLY C 272 10.76 -7.85 8.05
N HIS C 273 9.83 -8.34 8.87
CA HIS C 273 8.40 -8.13 8.68
C HIS C 273 7.75 -7.67 9.98
N LYS C 274 6.62 -7.00 9.83
CA LYS C 274 5.85 -6.56 10.98
C LYS C 274 5.36 -7.74 11.81
N ASN C 275 5.18 -7.48 13.10
CA ASN C 275 4.78 -8.50 14.05
C ASN C 275 3.93 -7.81 15.13
N ILE C 276 3.30 -8.63 15.97
CA ILE C 276 2.51 -8.13 17.08
C ILE C 276 3.01 -8.79 18.35
N CYS C 277 3.18 -7.99 19.41
CA CYS C 277 3.72 -8.48 20.68
C CYS C 277 2.71 -8.30 21.80
N SER C 278 2.87 -9.13 22.83
CA SER C 278 2.16 -8.83 24.06
C SER C 278 2.92 -9.40 25.23
N LEU C 279 2.73 -8.77 26.37
CA LEU C 279 3.33 -9.21 27.63
C LEU C 279 2.21 -9.82 28.44
N ALA C 280 2.26 -11.13 28.65
CA ALA C 280 1.18 -11.84 29.26
C ALA C 280 1.72 -12.82 30.29
N THR C 281 1.02 -12.93 31.40
CA THR C 281 1.34 -13.92 32.42
C THR C 281 0.50 -15.16 32.16
N ILE C 282 1.16 -16.28 31.93
CA ILE C 282 0.48 -17.54 31.66
C ILE C 282 0.97 -18.54 32.69
N GLN C 283 0.04 -19.13 33.44
CA GLN C 283 0.39 -20.09 34.49
C GLN C 283 1.42 -19.49 35.45
N LYS C 284 1.16 -18.25 35.87
CA LYS C 284 1.92 -17.50 36.88
C LYS C 284 3.28 -17.07 36.40
N ILE C 285 3.64 -17.29 35.15
CA ILE C 285 4.97 -17.00 34.62
C ILE C 285 4.82 -15.90 33.57
N PRO C 286 5.53 -14.77 33.71
CA PRO C 286 5.44 -13.70 32.71
C PRO C 286 6.06 -14.13 31.39
N ARG C 287 5.38 -13.81 30.29
CA ARG C 287 5.83 -14.25 28.98
C ARG C 287 5.79 -13.10 28.00
N LEU C 288 6.65 -13.16 26.99
CA LEU C 288 6.53 -12.33 25.80
C LEU C 288 5.99 -13.21 24.69
N LEU C 289 4.87 -12.81 24.10
CA LEU C 289 4.27 -13.50 22.96
C LEU C 289 4.47 -12.64 21.74
N VAL C 290 4.96 -13.25 20.65
CA VAL C 290 5.20 -12.53 19.41
C VAL C 290 4.47 -13.27 18.29
N GLY C 291 3.49 -12.62 17.68
CA GLY C 291 2.89 -13.15 16.48
C GLY C 291 3.58 -12.61 15.25
N ALA C 292 4.18 -13.48 14.46
CA ALA C 292 5.07 -13.06 13.38
C ALA C 292 4.43 -13.37 12.02
N ALA C 293 4.96 -12.69 11.00
CA ALA C 293 4.41 -12.82 9.64
C ALA C 293 4.71 -14.15 8.98
N ASP C 294 5.64 -14.94 9.53
CA ASP C 294 5.92 -16.28 9.03
C ASP C 294 4.89 -17.30 9.48
N GLY C 295 3.82 -16.88 10.16
CA GLY C 295 2.78 -17.80 10.58
C GLY C 295 2.99 -18.46 11.93
N TYR C 296 3.86 -17.93 12.78
CA TYR C 296 4.12 -18.53 14.07
C TYR C 296 3.78 -17.59 15.20
N LEU C 297 3.39 -18.18 16.32
CA LEU C 297 3.39 -17.50 17.61
C LEU C 297 4.61 -17.99 18.37
N TYR C 298 5.49 -17.06 18.75
CA TYR C 298 6.69 -17.35 19.52
C TYR C 298 6.45 -16.95 20.97
N MET C 299 6.86 -17.81 21.91
CA MET C 299 6.67 -17.55 23.33
C MET C 299 8.02 -17.59 24.05
N TYR C 300 8.34 -16.52 24.77
CA TYR C 300 9.56 -16.37 25.56
C TYR C 300 9.20 -16.19 27.02
N ASN C 301 10.06 -16.71 27.91
CA ASN C 301 9.88 -16.50 29.33
C ASN C 301 10.65 -15.27 29.79
N LEU C 302 9.98 -14.38 30.50
CA LEU C 302 10.62 -13.19 31.06
C LEU C 302 10.91 -13.39 32.53
N ASP C 303 12.13 -13.09 32.94
CA ASP C 303 12.51 -13.03 34.35
C ASP C 303 12.31 -11.61 34.84
N PRO C 304 11.26 -11.34 35.63
CA PRO C 304 10.97 -9.94 36.01
C PRO C 304 11.92 -9.39 37.05
N GLN C 305 12.75 -10.23 37.66
CA GLN C 305 13.70 -9.77 38.67
C GLN C 305 15.09 -9.55 38.10
N GLU C 306 15.53 -10.39 37.16
CA GLU C 306 16.88 -10.34 36.60
C GLU C 306 16.96 -9.79 35.18
N GLY C 307 15.97 -10.08 34.33
CA GLY C 307 16.06 -9.57 32.95
C GLY C 307 17.09 -10.34 32.14
N GLY C 308 17.78 -9.62 31.25
CA GLY C 308 18.73 -10.22 30.33
C GLY C 308 18.07 -10.77 29.09
N GLU C 309 18.82 -11.60 28.35
CA GLU C 309 18.29 -12.20 27.14
C GLU C 309 17.39 -13.39 27.47
N CYS C 310 16.19 -13.40 26.89
CA CYS C 310 15.19 -14.44 27.16
C CYS C 310 15.25 -15.50 26.08
N ALA C 311 15.21 -16.77 26.48
CA ALA C 311 15.27 -17.86 25.51
C ALA C 311 13.88 -18.15 24.94
N LEU C 312 13.85 -18.62 23.69
CA LEU C 312 12.59 -19.07 23.10
C LEU C 312 12.15 -20.35 23.79
N MET C 313 10.93 -20.35 24.32
CA MET C 313 10.34 -21.48 25.04
C MET C 313 9.46 -22.37 24.17
N LYS C 314 8.60 -21.78 23.32
CA LYS C 314 7.65 -22.55 22.53
C LYS C 314 7.43 -21.80 21.23
N GLN C 315 7.09 -22.54 20.17
CA GLN C 315 6.56 -21.88 18.99
C GLN C 315 5.41 -22.70 18.41
N HIS C 316 4.33 -22.02 18.06
CA HIS C 316 3.11 -22.66 17.63
C HIS C 316 2.70 -22.10 16.28
N ARG C 317 2.22 -22.98 15.40
CA ARG C 317 1.68 -22.57 14.10
C ARG C 317 0.33 -21.89 14.28
N LEU C 318 0.20 -20.65 13.77
CA LEU C 318 -1.06 -19.94 13.84
C LEU C 318 -2.18 -20.60 13.03
N ASP C 319 -1.86 -21.50 12.11
CA ASP C 319 -2.92 -22.18 11.38
C ASP C 319 -3.49 -23.37 12.15
N GLY C 320 -2.97 -23.67 13.34
CA GLY C 320 -3.49 -24.75 14.15
C GLY C 320 -2.84 -26.10 13.94
N SER C 321 -1.83 -26.19 13.09
CA SER C 321 -1.21 -27.47 12.80
C SER C 321 -0.06 -27.77 13.77
N LEU C 322 0.47 -28.99 13.66
CA LEU C 322 1.60 -29.44 14.46
C LEU C 322 2.75 -29.88 13.55
N ARG D 14 -34.26 -1.85 18.50
CA ARG D 14 -33.42 -1.37 19.59
C ARG D 14 -32.32 -2.38 19.93
N LEU D 15 -31.21 -2.31 19.20
CA LEU D 15 -30.07 -3.22 19.31
C LEU D 15 -29.50 -3.30 20.72
N GLN D 16 -30.01 -2.50 21.65
CA GLN D 16 -29.38 -2.40 22.95
C GLN D 16 -29.39 -3.74 23.68
N LYS D 17 -30.51 -4.45 23.64
CA LYS D 17 -30.59 -5.75 24.31
C LYS D 17 -29.59 -6.75 23.70
N GLU D 18 -29.56 -6.83 22.36
CA GLU D 18 -28.74 -7.82 21.68
C GLU D 18 -27.25 -7.56 21.87
N LEU D 19 -26.84 -6.28 21.87
CA LEU D 19 -25.45 -5.93 22.09
C LEU D 19 -25.04 -6.12 23.55
N ALA D 20 -25.96 -5.84 24.49
CA ALA D 20 -25.61 -5.97 25.90
C ALA D 20 -25.45 -7.43 26.31
N GLU D 21 -26.25 -8.31 25.72
CA GLU D 21 -26.10 -9.74 25.98
C GLU D 21 -24.77 -10.26 25.44
N ALA D 22 -24.45 -9.92 24.19
CA ALA D 22 -23.17 -10.32 23.61
C ALA D 22 -21.98 -9.81 24.44
N ALA D 23 -22.12 -8.64 25.04
CA ALA D 23 -21.02 -8.03 25.79
C ALA D 23 -20.82 -8.64 27.17
N LYS D 24 -21.68 -9.59 27.57
CA LYS D 24 -21.54 -10.25 28.86
C LYS D 24 -20.45 -11.31 28.81
N GLU D 25 -19.83 -11.54 29.96
CA GLU D 25 -18.97 -12.70 30.16
C GLU D 25 -19.56 -13.65 31.21
#